data_4CMB
#
_entry.id   4CMB
#
_cell.length_a   74.060
_cell.length_b   89.680
_cell.length_c   84.350
_cell.angle_alpha   90.00
_cell.angle_beta   115.44
_cell.angle_gamma   90.00
#
_symmetry.space_group_name_H-M   'P 1 21 1'
#
loop_
_entity.id
_entity.type
_entity.pdbx_description
1 polymer 'PTERIDINE REDUCTASE 1'
2 non-polymer 'NADP NICOTINAMIDE-ADENINE-DINUCLEOTIDE PHOSPHATE'
3 non-polymer N4-cyclohexyl-5-(4-fluorophenyl)-7H-pyrrolo[2,3-d]pyrimidine-2,4-diamine
4 non-polymer 'ACETATE ION'
5 water water
#
_entity_poly.entity_id   1
_entity_poly.type   'polypeptide(L)'
_entity_poly.pdbx_seq_one_letter_code
;MGSSHHHHHHSSGLVPRGSHMEAPAAVVTGAAKRIGRAIAVKLHQTGYRVVIHYHNSAEAAVSLADELNKERSNTAVVCQ
ADLTNSNVLPASCEEIINSCFRAFGRCDVLVNNASAFYPTPLVQGDHEDNSNGKTVETQVAELIGTNAIAPFLLTMSFAQ
RQKGTNPNCTSSNLSIVNLCDAMVDQPCMAFSLYNMGKHALVGLTQSAALELAPYGIRVNGVAPGVSLLPVAMGEEEKDK
WRRKVPLGRREASAEQIADAVIFLVSGSAQYITGSIIKVDGGLSLVHA
;
_entity_poly.pdbx_strand_id   A,B,C,D
#
loop_
_chem_comp.id
_chem_comp.type
_chem_comp.name
_chem_comp.formula
ACT non-polymer 'ACETATE ION' 'C2 H3 O2 -1'
NAP non-polymer 'NADP NICOTINAMIDE-ADENINE-DINUCLEOTIDE PHOSPHATE' 'C21 H28 N7 O17 P3'
UEN non-polymer N4-cyclohexyl-5-(4-fluorophenyl)-7H-pyrrolo[2,3-d]pyrimidine-2,4-diamine 'C18 H20 F N5'
#
# COMPACT_ATOMS: atom_id res chain seq x y z
N GLU A 22 19.03 8.59 35.44
CA GLU A 22 18.24 9.87 35.38
C GLU A 22 17.08 9.76 34.36
N ALA A 23 16.23 10.76 34.29
CA ALA A 23 15.04 10.72 33.45
C ALA A 23 15.37 10.98 31.96
N PRO A 24 14.77 10.21 31.04
CA PRO A 24 15.04 10.52 29.62
C PRO A 24 14.37 11.82 29.20
N ALA A 25 14.79 12.35 28.05
CA ALA A 25 14.20 13.57 27.46
C ALA A 25 13.62 13.42 26.03
N ALA A 26 12.54 14.14 25.81
CA ALA A 26 11.81 14.12 24.57
C ALA A 26 11.59 15.56 24.04
N VAL A 27 11.76 15.72 22.73
CA VAL A 27 11.26 16.89 21.99
C VAL A 27 9.91 16.60 21.31
N VAL A 28 8.92 17.44 21.59
CA VAL A 28 7.65 17.37 20.90
C VAL A 28 7.44 18.69 20.19
N THR A 29 7.38 18.63 18.86
CA THR A 29 7.11 19.80 18.04
C THR A 29 5.63 20.14 18.05
N GLY A 30 5.32 21.42 18.09
CA GLY A 30 3.93 21.87 18.03
C GLY A 30 3.17 21.40 19.24
N ALA A 31 3.80 21.45 20.41
CA ALA A 31 3.26 20.80 21.62
C ALA A 31 2.53 21.75 22.56
N ALA A 32 2.24 22.97 22.11
CA ALA A 32 1.59 23.91 23.02
C ALA A 32 0.13 23.54 23.27
N LYS A 33 -0.47 22.87 22.32
CA LYS A 33 -1.89 22.52 22.44
C LYS A 33 -2.23 21.25 21.68
N ARG A 34 -3.49 20.84 21.82
CA ARG A 34 -4.12 19.81 21.01
C ARG A 34 -3.36 18.47 21.09
N ILE A 35 -3.10 17.79 19.97
CA ILE A 35 -2.44 16.49 20.02
C ILE A 35 -1.01 16.55 20.53
N GLY A 36 -0.28 17.60 20.15
CA GLY A 36 1.06 17.74 20.61
C GLY A 36 1.17 17.89 22.13
N ARG A 37 0.28 18.66 22.70
CA ARG A 37 0.24 18.82 24.17
C ARG A 37 -0.07 17.48 24.82
N ALA A 38 -1.02 16.75 24.26
CA ALA A 38 -1.42 15.45 24.81
C ALA A 38 -0.27 14.49 24.83
N ILE A 39 0.48 14.49 23.74
CA ILE A 39 1.73 13.72 23.66
C ILE A 39 2.79 14.15 24.70
N ALA A 40 3.05 15.47 24.78
CA ALA A 40 4.03 15.95 25.76
C ALA A 40 3.60 15.61 27.19
N VAL A 41 2.32 15.71 27.45
CA VAL A 41 1.78 15.42 28.79
C VAL A 41 2.00 13.94 29.15
N LYS A 42 1.70 13.06 28.20
CA LYS A 42 1.81 11.65 28.45
C LYS A 42 3.25 11.19 28.57
N LEU A 43 4.15 11.73 27.75
CA LEU A 43 5.56 11.41 27.94
C LEU A 43 6.05 11.85 29.34
N HIS A 44 5.57 13.00 29.80
CA HIS A 44 6.00 13.59 31.06
C HIS A 44 5.53 12.67 32.20
N GLN A 45 4.26 12.27 32.13
CA GLN A 45 3.66 11.37 33.10
C GLN A 45 4.35 10.03 33.14
N THR A 46 4.88 9.60 32.00
CA THR A 46 5.55 8.35 31.93
C THR A 46 6.95 8.49 32.47
N GLY A 47 7.38 9.71 32.77
CA GLY A 47 8.67 9.97 33.41
C GLY A 47 9.62 10.84 32.60
N TYR A 48 9.22 11.34 31.42
CA TYR A 48 10.16 12.08 30.56
C TYR A 48 10.28 13.54 30.94
N ARG A 49 11.44 14.09 30.66
CA ARG A 49 11.60 15.53 30.60
C ARG A 49 11.28 15.95 29.19
N VAL A 50 10.59 17.08 29.02
CA VAL A 50 10.08 17.48 27.71
C VAL A 50 10.54 18.88 27.24
N VAL A 51 10.90 18.97 25.98
CA VAL A 51 10.95 20.23 25.25
C VAL A 51 9.64 20.39 24.53
N ILE A 52 8.89 21.38 24.97
CA ILE A 52 7.68 21.85 24.33
C ILE A 52 8.04 22.89 23.24
N HIS A 53 8.05 22.47 21.99
CA HIS A 53 8.29 23.40 20.91
C HIS A 53 6.97 23.99 20.47
N TYR A 54 7.02 25.24 20.02
CA TYR A 54 5.86 25.97 19.57
C TYR A 54 6.31 27.03 18.56
N HIS A 55 5.35 27.54 17.81
CA HIS A 55 5.60 28.59 16.84
C HIS A 55 4.92 29.89 17.27
N ASN A 56 3.59 29.96 17.21
CA ASN A 56 2.86 31.15 17.61
C ASN A 56 2.29 31.04 19.04
N SER A 57 2.04 29.83 19.52
CA SER A 57 1.24 29.75 20.77
C SER A 57 2.13 29.85 22.02
N ALA A 58 2.62 31.05 22.28
CA ALA A 58 3.61 31.24 23.32
C ALA A 58 3.04 31.05 24.73
N GLU A 59 1.91 31.72 24.97
CA GLU A 59 1.20 31.65 26.22
C GLU A 59 0.82 30.21 26.53
N ALA A 60 0.34 29.48 25.54
CA ALA A 60 -0.10 28.10 25.78
C ALA A 60 1.10 27.20 26.15
N ALA A 61 2.22 27.40 25.46
CA ALA A 61 3.42 26.62 25.72
C ALA A 61 4.02 26.88 27.09
N VAL A 62 4.15 28.17 27.45
CA VAL A 62 4.75 28.51 28.74
C VAL A 62 3.88 28.00 29.85
N SER A 63 2.57 28.11 29.66
CA SER A 63 1.62 27.65 30.63
C SER A 63 1.67 26.14 30.85
N LEU A 64 1.76 25.39 29.74
CA LEU A 64 2.01 23.97 29.83
C LEU A 64 3.31 23.66 30.56
N ALA A 65 4.40 24.34 30.23
CA ALA A 65 5.69 24.03 30.89
C ALA A 65 5.54 24.25 32.39
N ASP A 66 4.77 25.29 32.74
CA ASP A 66 4.53 25.72 34.15
C ASP A 66 3.92 24.59 34.92
N GLU A 67 2.80 24.09 34.41
CA GLU A 67 2.15 22.93 35.00
C GLU A 67 3.08 21.77 35.19
N LEU A 68 3.84 21.43 34.15
CA LEU A 68 4.64 20.23 34.21
C LEU A 68 5.76 20.39 35.24
N ASN A 69 6.36 21.57 35.29
CA ASN A 69 7.36 21.88 36.32
C ASN A 69 6.81 21.92 37.77
N LYS A 70 5.55 22.34 37.91
CA LYS A 70 4.86 22.33 39.17
C LYS A 70 4.78 20.91 39.63
N GLU A 71 4.66 20.00 38.66
CA GLU A 71 4.56 18.58 38.94
C GLU A 71 5.95 17.98 39.24
N ARG A 72 6.99 18.32 38.47
CA ARG A 72 8.36 17.89 38.78
C ARG A 72 9.28 19.01 38.33
N SER A 73 10.10 19.51 39.26
CA SER A 73 10.87 20.70 39.01
CA SER A 73 10.87 20.70 38.99
C SER A 73 11.90 20.46 37.92
N ASN A 74 12.12 21.47 37.09
CA ASN A 74 13.12 21.37 36.04
C ASN A 74 12.94 20.15 35.09
N THR A 75 11.69 19.80 34.79
CA THR A 75 11.39 18.74 33.81
C THR A 75 10.77 19.21 32.47
N ALA A 76 10.52 20.51 32.31
CA ALA A 76 9.97 21.03 31.04
C ALA A 76 10.58 22.39 30.67
N VAL A 77 10.74 22.62 29.37
CA VAL A 77 11.16 23.92 28.83
C VAL A 77 10.46 24.10 27.50
N VAL A 78 10.22 25.36 27.14
CA VAL A 78 9.66 25.68 25.84
C VAL A 78 10.77 26.05 24.87
N CYS A 79 10.43 26.01 23.58
CA CYS A 79 11.42 26.29 22.55
C CYS A 79 10.67 26.77 21.34
N GLN A 80 10.92 28.02 20.96
CA GLN A 80 10.24 28.66 19.83
C GLN A 80 11.02 28.47 18.52
N ALA A 81 10.29 28.08 17.47
CA ALA A 81 10.85 27.91 16.12
C ALA A 81 9.76 27.94 15.09
N ASP A 82 10.03 28.67 14.00
CA ASP A 82 9.25 28.56 12.77
C ASP A 82 9.80 27.37 12.01
N LEU A 83 8.91 26.46 11.58
CA LEU A 83 9.38 25.28 10.79
C LEU A 83 8.95 25.31 9.31
N THR A 84 8.56 26.50 8.83
CA THR A 84 8.46 26.77 7.39
C THR A 84 9.82 26.52 6.75
N ASN A 85 9.84 25.96 5.56
CA ASN A 85 11.12 25.78 4.81
C ASN A 85 11.82 27.12 4.47
N SER A 86 13.14 27.16 4.60
CA SER A 86 13.95 28.31 4.19
C SER A 86 15.37 27.82 4.33
N ASN A 87 16.30 28.69 4.00
CA ASN A 87 17.70 28.35 4.08
C ASN A 87 18.19 28.29 5.50
N VAL A 88 17.44 28.81 6.46
CA VAL A 88 17.89 28.71 7.85
C VAL A 88 17.19 27.56 8.56
N LEU A 89 16.20 26.93 7.95
CA LEU A 89 15.51 25.86 8.66
C LEU A 89 16.45 24.82 9.24
N PRO A 90 17.49 24.40 8.49
CA PRO A 90 18.44 23.44 9.09
C PRO A 90 19.04 23.91 10.46
N ALA A 91 19.39 25.18 10.55
CA ALA A 91 19.89 25.73 11.85
C ALA A 91 18.78 25.77 12.89
N SER A 92 17.58 26.15 12.49
CA SER A 92 16.48 26.12 13.44
C SER A 92 16.24 24.69 13.99
N CYS A 93 16.33 23.68 13.14
CA CYS A 93 16.08 22.32 13.61
C CYS A 93 17.21 21.82 14.50
N GLU A 94 18.44 22.16 14.11
CA GLU A 94 19.60 21.88 14.97
C GLU A 94 19.45 22.54 16.34
N GLU A 95 18.84 23.73 16.39
CA GLU A 95 18.76 24.48 17.65
C GLU A 95 17.70 23.88 18.52
N ILE A 96 16.63 23.37 17.91
CA ILE A 96 15.60 22.68 18.67
C ILE A 96 16.19 21.49 19.44
N ILE A 97 16.94 20.66 18.75
CA ILE A 97 17.56 19.52 19.39
C ILE A 97 18.62 19.99 20.43
N ASN A 98 19.42 20.99 20.06
CA ASN A 98 20.41 21.57 20.98
C ASN A 98 19.78 22.04 22.26
N SER A 99 18.58 22.57 22.14
CA SER A 99 17.83 23.01 23.32
C SER A 99 17.47 21.88 24.27
N CYS A 100 17.16 20.69 23.76
CA CYS A 100 17.00 19.51 24.62
C CYS A 100 18.28 19.16 25.37
N PHE A 101 19.39 19.03 24.65
CA PHE A 101 20.67 18.78 25.32
C PHE A 101 21.05 19.91 26.33
N ARG A 102 20.74 21.15 25.97
CA ARG A 102 21.04 22.28 26.82
C ARG A 102 20.33 22.12 28.14
N ALA A 103 19.03 21.91 28.09
CA ALA A 103 18.27 21.84 29.32
C ALA A 103 18.43 20.49 30.07
N PHE A 104 18.60 19.39 29.35
CA PHE A 104 18.46 18.06 29.99
C PHE A 104 19.68 17.15 29.82
N GLY A 105 20.64 17.54 29.01
CA GLY A 105 21.88 16.75 28.84
C GLY A 105 21.75 15.55 27.94
N ARG A 106 20.57 15.36 27.34
CA ARG A 106 20.32 14.20 26.51
C ARG A 106 19.06 14.43 25.71
N CYS A 107 18.88 13.61 24.68
CA CYS A 107 17.65 13.66 23.87
C CYS A 107 17.36 12.22 23.38
N ASP A 108 16.32 11.63 23.94
CA ASP A 108 15.98 10.23 23.70
C ASP A 108 14.87 10.03 22.64
N VAL A 109 13.93 10.96 22.61
CA VAL A 109 12.77 10.87 21.81
C VAL A 109 12.53 12.20 21.06
N LEU A 110 12.17 12.07 19.78
CA LEU A 110 11.74 13.17 18.95
C LEU A 110 10.33 12.83 18.44
N VAL A 111 9.33 13.69 18.71
CA VAL A 111 8.01 13.55 18.09
C VAL A 111 7.75 14.72 17.12
N ASN A 112 7.58 14.42 15.83
CA ASN A 112 7.34 15.38 14.77
C ASN A 112 5.84 15.49 14.62
N ASN A 113 5.28 16.49 15.27
CA ASN A 113 3.84 16.70 15.34
C ASN A 113 3.41 18.00 14.70
N ALA A 114 4.27 19.03 14.72
CA ALA A 114 3.86 20.32 14.19
C ALA A 114 3.48 20.18 12.71
N SER A 115 2.38 20.81 12.28
CA SER A 115 1.97 20.70 10.92
C SER A 115 1.10 21.84 10.45
N ALA A 116 1.43 22.43 9.29
CA ALA A 116 0.51 23.39 8.67
C ALA A 116 -0.51 22.60 7.88
N PHE A 117 -1.75 23.11 7.80
CA PHE A 117 -2.80 22.41 7.14
C PHE A 117 -3.79 23.42 6.54
N TYR A 118 -3.92 23.47 5.23
CA TYR A 118 -4.94 24.34 4.58
C TYR A 118 -4.94 24.02 3.11
N PRO A 119 -6.06 24.34 2.42
CA PRO A 119 -6.12 24.02 1.01
C PRO A 119 -5.17 24.84 0.15
N THR A 120 -4.77 24.20 -0.95
CA THR A 120 -3.93 24.83 -2.00
C THR A 120 -4.39 24.34 -3.33
N PRO A 121 -5.55 24.87 -3.82
CA PRO A 121 -6.15 24.44 -5.05
C PRO A 121 -5.24 24.61 -6.24
N LEU A 122 -5.25 23.62 -7.12
CA LEU A 122 -4.48 23.64 -8.36
C LEU A 122 -5.01 24.69 -9.36
N VAL A 123 -6.32 24.90 -9.39
CA VAL A 123 -6.93 25.84 -10.33
C VAL A 123 -7.63 26.97 -9.60
N GLN A 124 -7.49 28.17 -10.13
CA GLN A 124 -7.96 29.39 -9.46
C GLN A 124 -8.86 30.17 -10.40
N GLY A 133 -4.03 35.81 1.77
CA GLY A 133 -3.35 36.16 0.53
C GLY A 133 -1.99 35.50 0.34
N LYS A 134 -1.86 34.22 0.72
CA LYS A 134 -0.54 33.55 0.66
C LYS A 134 -0.07 33.28 -0.74
N THR A 135 1.19 33.58 -0.99
CA THR A 135 1.81 33.20 -2.26
C THR A 135 2.03 31.69 -2.33
N VAL A 136 2.19 31.17 -3.54
CA VAL A 136 2.34 29.74 -3.69
C VAL A 136 3.68 29.33 -3.11
N GLU A 137 4.66 30.20 -3.26
CA GLU A 137 6.00 29.99 -2.62
C GLU A 137 5.85 29.72 -1.15
N THR A 138 5.03 30.57 -0.52
CA THR A 138 4.77 30.50 0.89
C THR A 138 3.97 29.23 1.23
N GLN A 139 2.96 28.91 0.45
CA GLN A 139 2.24 27.66 0.60
C GLN A 139 3.20 26.42 0.51
N VAL A 140 4.07 26.39 -0.50
CA VAL A 140 5.00 25.30 -0.63
C VAL A 140 5.89 25.26 0.66
N ALA A 141 6.46 26.39 1.01
CA ALA A 141 7.31 26.49 2.14
C ALA A 141 6.70 25.98 3.48
N GLU A 142 5.49 26.45 3.82
CA GLU A 142 4.86 26.05 5.08
C GLU A 142 4.40 24.59 5.08
N LEU A 143 3.73 24.15 4.01
CA LEU A 143 3.09 22.83 3.99
C LEU A 143 4.12 21.75 3.89
N ILE A 144 5.12 21.96 3.03
CA ILE A 144 6.16 20.95 2.81
C ILE A 144 7.27 21.08 3.87
N GLY A 145 7.53 22.30 4.30
CA GLY A 145 8.42 22.53 5.44
C GLY A 145 7.96 21.83 6.71
N THR A 146 6.77 22.14 7.18
CA THR A 146 6.33 21.64 8.48
C THR A 146 6.05 20.14 8.42
N ASN A 147 5.40 19.67 7.38
CA ASN A 147 5.07 18.26 7.30
C ASN A 147 6.19 17.28 6.90
N ALA A 148 7.28 17.77 6.32
CA ALA A 148 8.32 16.91 5.76
C ALA A 148 9.76 17.35 5.95
N ILE A 149 10.07 18.57 5.53
CA ILE A 149 11.45 18.97 5.54
C ILE A 149 11.99 19.22 6.97
N ALA A 150 11.19 19.86 7.79
CA ALA A 150 11.52 20.02 9.19
C ALA A 150 11.66 18.65 9.91
N PRO A 151 10.70 17.75 9.69
CA PRO A 151 10.94 16.39 10.22
C PRO A 151 12.27 15.72 9.76
N PHE A 152 12.64 15.87 8.49
CA PHE A 152 13.96 15.39 7.99
C PHE A 152 15.13 16.04 8.72
N LEU A 153 15.06 17.38 8.83
CA LEU A 153 16.17 18.10 9.43
C LEU A 153 16.27 17.84 10.93
N LEU A 154 15.12 17.71 11.61
CA LEU A 154 15.14 17.35 13.03
C LEU A 154 15.67 15.94 13.24
N THR A 155 15.40 15.07 12.30
CA THR A 155 15.86 13.69 12.39
C THR A 155 17.39 13.68 12.21
N MET A 156 17.87 14.46 11.26
CA MET A 156 19.30 14.57 11.04
C MET A 156 19.97 15.04 12.33
N SER A 157 19.45 16.09 12.92
CA SER A 157 20.10 16.69 14.07
C SER A 157 19.97 15.79 15.28
N PHE A 158 18.81 15.15 15.46
CA PHE A 158 18.66 14.09 16.51
C PHE A 158 19.73 13.01 16.41
N ALA A 159 19.88 12.43 15.24
CA ALA A 159 20.87 11.36 15.05
C ALA A 159 22.30 11.88 15.21
N GLN A 160 22.58 13.04 14.66
CA GLN A 160 23.92 13.58 14.69
C GLN A 160 24.39 13.89 16.13
N ARG A 161 23.53 14.49 16.95
CA ARG A 161 23.89 14.83 18.32
C ARG A 161 24.05 13.65 19.29
N GLN A 162 23.85 12.41 18.87
CA GLN A 162 23.84 11.33 19.90
C GLN A 162 25.23 11.09 20.49
N SER A 171 22.84 0.85 26.64
CA SER A 171 21.53 0.76 27.27
C SER A 171 20.68 2.05 27.15
N SER A 172 19.90 2.12 26.07
CA SER A 172 19.14 3.32 25.68
C SER A 172 17.87 2.86 25.00
N ASN A 173 16.88 3.75 24.90
CA ASN A 173 15.73 3.49 24.02
C ASN A 173 15.40 4.76 23.21
N LEU A 174 16.21 4.96 22.18
CA LEU A 174 16.14 6.10 21.27
C LEU A 174 15.09 5.83 20.20
N SER A 175 14.13 6.72 20.03
CA SER A 175 13.24 6.65 18.86
C SER A 175 12.62 7.98 18.43
N ILE A 176 12.05 7.95 17.20
CA ILE A 176 11.37 9.06 16.55
C ILE A 176 9.95 8.59 16.22
N VAL A 177 8.97 9.46 16.47
CA VAL A 177 7.61 9.23 16.05
C VAL A 177 7.16 10.41 15.21
N ASN A 178 6.72 10.10 13.99
CA ASN A 178 6.15 11.08 13.06
C ASN A 178 4.63 11.04 13.02
N LEU A 179 3.99 12.20 13.11
CA LEU A 179 2.55 12.20 13.07
C LEU A 179 2.13 12.29 11.58
N CYS A 180 1.56 11.20 11.07
CA CYS A 180 1.30 11.02 9.64
C CYS A 180 -0.22 11.30 9.42
N ASP A 181 -0.86 10.64 8.48
CA ASP A 181 -2.24 10.88 8.22
C ASP A 181 -2.84 9.62 7.62
N ALA A 182 -3.85 9.07 8.28
CA ALA A 182 -4.42 7.80 7.83
C ALA A 182 -5.11 7.91 6.47
N MET A 183 -5.57 9.12 6.10
CA MET A 183 -6.22 9.37 4.81
C MET A 183 -5.29 9.81 3.69
N VAL A 184 -4.01 9.50 3.80
CA VAL A 184 -3.05 9.96 2.82
C VAL A 184 -3.31 9.40 1.41
N ASP A 185 -4.03 8.29 1.28
CA ASP A 185 -4.31 7.76 -0.07
C ASP A 185 -5.75 7.95 -0.52
N GLN A 186 -6.53 8.66 0.28
CA GLN A 186 -7.80 9.19 -0.19
C GLN A 186 -7.82 10.68 0.18
N PRO A 187 -7.08 11.48 -0.59
CA PRO A 187 -6.86 12.84 -0.16
C PRO A 187 -8.12 13.72 -0.25
N CYS A 188 -8.16 14.71 0.63
CA CYS A 188 -9.19 15.75 0.55
C CYS A 188 -8.97 16.64 -0.69
N MET A 189 -10.08 17.04 -1.29
CA MET A 189 -10.06 17.86 -2.48
C MET A 189 -9.30 19.12 -2.17
N ALA A 190 -8.41 19.49 -3.08
CA ALA A 190 -7.67 20.75 -3.07
C ALA A 190 -6.63 20.84 -1.94
N PHE A 191 -6.23 19.70 -1.35
CA PHE A 191 -5.13 19.64 -0.40
C PHE A 191 -3.83 19.01 -0.95
N SER A 192 -3.51 19.29 -2.20
CA SER A 192 -2.35 18.64 -2.80
CA SER A 192 -2.33 18.71 -2.84
C SER A 192 -1.03 18.89 -2.02
N LEU A 193 -0.68 20.14 -1.68
CA LEU A 193 0.62 20.34 -0.97
C LEU A 193 0.65 19.69 0.39
N TYR A 194 -0.46 19.82 1.13
CA TYR A 194 -0.57 19.10 2.42
C TYR A 194 -0.39 17.60 2.22
N ASN A 195 -1.06 17.02 1.24
CA ASN A 195 -0.95 15.57 1.01
C ASN A 195 0.47 15.15 0.59
N MET A 196 1.13 16.01 -0.20
CA MET A 196 2.47 15.70 -0.66
C MET A 196 3.41 15.65 0.52
N GLY A 197 3.16 16.53 1.46
CA GLY A 197 3.97 16.61 2.60
C GLY A 197 3.87 15.43 3.51
N LYS A 198 2.64 15.00 3.77
CA LYS A 198 2.39 13.79 4.49
C LYS A 198 2.90 12.54 3.76
N HIS A 199 2.82 12.50 2.44
CA HIS A 199 3.41 11.38 1.75
C HIS A 199 4.91 11.34 1.91
N ALA A 200 5.54 12.52 1.82
CA ALA A 200 6.96 12.60 1.99
C ALA A 200 7.39 12.12 3.40
N LEU A 201 6.54 12.40 4.38
CA LEU A 201 6.75 12.00 5.77
C LEU A 201 6.75 10.48 5.93
N VAL A 202 5.86 9.84 5.18
CA VAL A 202 5.85 8.37 5.11
C VAL A 202 7.19 7.92 4.61
N GLY A 203 7.66 8.56 3.54
CA GLY A 203 8.96 8.17 2.95
C GLY A 203 10.14 8.36 3.90
N LEU A 204 10.15 9.49 4.59
CA LEU A 204 11.15 9.80 5.60
C LEU A 204 11.07 8.74 6.69
N THR A 205 9.85 8.42 7.14
CA THR A 205 9.69 7.42 8.23
C THR A 205 10.40 6.10 7.86
N GLN A 206 10.13 5.66 6.65
CA GLN A 206 10.77 4.48 6.08
C GLN A 206 12.28 4.59 5.87
N SER A 207 12.70 5.63 5.14
CA SER A 207 14.10 5.86 4.90
C SER A 207 14.93 5.99 6.15
N ALA A 208 14.44 6.79 7.10
CA ALA A 208 15.15 6.96 8.37
C ALA A 208 15.18 5.68 9.22
N ALA A 209 14.10 4.90 9.21
CA ALA A 209 14.06 3.65 9.99
C ALA A 209 15.19 2.74 9.55
N LEU A 210 15.30 2.59 8.25
CA LEU A 210 16.31 1.80 7.60
C LEU A 210 17.74 2.30 7.93
N GLU A 211 17.96 3.60 7.79
CA GLU A 211 19.32 4.17 7.90
C GLU A 211 19.79 4.32 9.35
N LEU A 212 18.87 4.68 10.24
CA LEU A 212 19.16 4.83 11.63
C LEU A 212 19.07 3.55 12.48
N ALA A 213 18.51 2.48 11.92
CA ALA A 213 18.55 1.19 12.62
C ALA A 213 19.93 0.76 13.18
N PRO A 214 21.00 0.86 12.39
CA PRO A 214 22.31 0.46 12.89
C PRO A 214 22.78 1.33 14.06
N TYR A 215 22.18 2.50 14.28
CA TYR A 215 22.50 3.33 15.43
C TYR A 215 21.61 3.09 16.62
N GLY A 216 20.65 2.18 16.52
CA GLY A 216 19.76 1.90 17.63
C GLY A 216 18.61 2.87 17.71
N ILE A 217 18.42 3.66 16.65
CA ILE A 217 17.31 4.62 16.61
C ILE A 217 16.12 4.10 15.80
N ARG A 218 15.02 3.83 16.48
CA ARG A 218 13.79 3.42 15.84
C ARG A 218 13.01 4.62 15.32
N VAL A 219 12.32 4.43 14.20
CA VAL A 219 11.53 5.51 13.56
C VAL A 219 10.16 5.03 13.10
N ASN A 220 9.08 5.56 13.68
CA ASN A 220 7.73 5.04 13.43
C ASN A 220 6.79 6.19 13.27
N GLY A 221 5.56 5.88 12.88
CA GLY A 221 4.53 6.87 12.62
C GLY A 221 3.26 6.54 13.33
N VAL A 222 2.48 7.56 13.62
CA VAL A 222 1.11 7.39 14.11
C VAL A 222 0.27 8.21 13.15
N ALA A 223 -0.80 7.60 12.63
CA ALA A 223 -1.59 8.17 11.57
C ALA A 223 -3.03 8.33 12.02
N PRO A 224 -3.35 9.51 12.54
CA PRO A 224 -4.73 9.73 12.91
C PRO A 224 -5.63 9.84 11.68
N GLY A 225 -6.91 9.57 11.91
CA GLY A 225 -7.96 9.77 10.93
C GLY A 225 -8.53 11.17 11.12
N VAL A 226 -9.59 11.29 11.91
CA VAL A 226 -10.06 12.57 12.38
CA VAL A 226 -10.03 12.59 12.38
C VAL A 226 -9.97 12.58 13.90
N SER A 227 -9.60 13.73 14.43
N SER A 227 -9.50 13.69 14.44
CA SER A 227 -9.34 13.93 15.85
CA SER A 227 -9.32 13.88 15.86
C SER A 227 -9.41 15.43 16.20
C SER A 227 -9.94 15.22 16.20
N LEU A 228 -9.99 15.78 17.34
N LEU A 228 -9.35 15.93 17.16
CA LEU A 228 -10.06 17.18 17.78
CA LEU A 228 -9.96 17.15 17.69
C LEU A 228 -10.52 18.14 16.70
C LEU A 228 -10.50 18.04 16.58
N LEU A 229 -11.82 18.20 16.51
CA LEU A 229 -12.39 18.99 15.44
C LEU A 229 -12.19 20.49 15.71
N PRO A 230 -11.94 21.29 14.66
CA PRO A 230 -11.64 22.67 14.97
C PRO A 230 -12.75 23.31 15.78
N VAL A 231 -12.30 24.30 16.53
CA VAL A 231 -13.09 24.92 17.59
C VAL A 231 -14.40 25.52 17.07
N ALA A 232 -14.29 26.27 15.99
CA ALA A 232 -15.42 27.00 15.47
C ALA A 232 -16.26 26.19 14.47
N MET A 233 -15.82 24.99 14.07
CA MET A 233 -16.58 24.22 13.08
C MET A 233 -18.04 24.08 13.54
N GLY A 234 -18.98 24.19 12.60
CA GLY A 234 -20.44 24.13 12.91
C GLY A 234 -20.87 22.71 13.28
N GLU A 235 -21.94 22.56 14.07
CA GLU A 235 -22.44 21.23 14.52
CA GLU A 235 -22.32 21.21 14.51
C GLU A 235 -22.76 20.35 13.33
N GLU A 236 -23.23 20.98 12.27
CA GLU A 236 -23.56 20.26 11.05
C GLU A 236 -22.29 19.53 10.50
N GLU A 237 -21.24 20.30 10.28
CA GLU A 237 -20.02 19.76 9.73
C GLU A 237 -19.39 18.68 10.66
N LYS A 238 -19.32 18.95 11.96
CA LYS A 238 -18.80 17.98 12.92
C LYS A 238 -19.56 16.67 12.89
N ASP A 239 -20.87 16.78 12.81
CA ASP A 239 -21.71 15.60 12.70
C ASP A 239 -21.34 14.80 11.47
N LYS A 240 -21.17 15.49 10.34
CA LYS A 240 -20.91 14.82 9.08
C LYS A 240 -19.58 14.01 9.15
N TRP A 241 -18.58 14.61 9.79
CA TRP A 241 -17.29 13.93 10.03
C TRP A 241 -17.44 12.77 10.99
N ARG A 242 -18.16 12.99 12.10
CA ARG A 242 -18.28 11.97 13.12
C ARG A 242 -19.04 10.74 12.61
N ARG A 243 -20.03 10.99 11.78
CA ARG A 243 -20.82 9.91 11.21
C ARG A 243 -20.05 9.05 10.23
N LYS A 244 -18.92 9.55 9.74
CA LYS A 244 -18.10 8.75 8.82
C LYS A 244 -17.29 7.65 9.53
N VAL A 245 -17.06 7.80 10.83
CA VAL A 245 -16.21 6.90 11.61
C VAL A 245 -16.90 5.62 12.02
N PRO A 246 -16.53 4.46 11.43
CA PRO A 246 -17.13 3.17 11.85
C PRO A 246 -17.11 2.87 13.35
N LEU A 247 -15.98 3.10 14.00
CA LEU A 247 -15.88 2.77 15.42
C LEU A 247 -16.35 3.89 16.35
N GLY A 248 -17.64 3.92 16.64
CA GLY A 248 -18.16 4.87 17.62
C GLY A 248 -18.73 6.14 17.02
N ARG A 249 -18.62 6.33 15.71
CA ARG A 249 -19.06 7.57 15.10
C ARG A 249 -18.56 8.85 15.82
N ARG A 250 -17.28 8.88 16.17
CA ARG A 250 -16.70 10.01 16.88
CA ARG A 250 -16.70 9.99 16.91
C ARG A 250 -15.24 10.10 16.52
N GLU A 251 -14.71 11.32 16.57
CA GLU A 251 -13.32 11.58 16.32
C GLU A 251 -12.48 11.03 17.47
N ALA A 252 -11.20 10.79 17.24
CA ALA A 252 -10.32 10.40 18.34
C ALA A 252 -10.08 11.55 19.30
N SER A 253 -10.02 11.22 20.59
CA SER A 253 -9.49 12.12 21.61
C SER A 253 -7.97 12.29 21.41
N ALA A 254 -7.45 13.39 21.93
CA ALA A 254 -6.01 13.63 21.90
C ALA A 254 -5.27 12.51 22.59
N GLU A 255 -5.86 12.02 23.69
CA GLU A 255 -5.20 11.00 24.49
C GLU A 255 -5.04 9.71 23.68
N GLN A 256 -6.05 9.40 22.88
CA GLN A 256 -6.03 8.20 22.03
C GLN A 256 -4.87 8.21 21.06
N ILE A 257 -4.56 9.37 20.49
CA ILE A 257 -3.42 9.48 19.58
C ILE A 257 -2.17 9.35 20.42
N ALA A 258 -2.15 10.02 21.57
CA ALA A 258 -0.94 10.01 22.42
C ALA A 258 -0.61 8.62 22.93
N ASP A 259 -1.66 7.83 23.20
CA ASP A 259 -1.48 6.42 23.60
C ASP A 259 -0.63 5.66 22.60
N ALA A 260 -0.85 5.90 21.30
CA ALA A 260 -0.13 5.13 20.31
C ALA A 260 1.33 5.58 20.22
N VAL A 261 1.55 6.89 20.36
CA VAL A 261 2.91 7.43 20.48
C VAL A 261 3.68 6.79 21.65
N ILE A 262 3.06 6.81 22.81
CA ILE A 262 3.63 6.23 24.05
C ILE A 262 3.93 4.76 23.84
N PHE A 263 3.03 4.02 23.22
CA PHE A 263 3.35 2.61 22.91
C PHE A 263 4.66 2.52 22.11
N LEU A 264 4.75 3.29 21.04
CA LEU A 264 5.90 3.19 20.12
C LEU A 264 7.23 3.59 20.72
N VAL A 265 7.20 4.49 21.70
CA VAL A 265 8.43 4.95 22.37
C VAL A 265 8.84 3.94 23.42
N SER A 266 7.87 3.18 23.94
CA SER A 266 8.09 2.28 25.07
C SER A 266 8.91 1.04 24.72
N GLY A 267 9.33 0.35 25.78
CA GLY A 267 10.05 -0.91 25.67
C GLY A 267 9.18 -2.02 25.06
N SER A 268 7.86 -1.84 25.03
CA SER A 268 6.98 -2.85 24.44
C SER A 268 7.05 -2.79 22.90
N ALA A 269 7.82 -1.84 22.34
CA ALA A 269 7.92 -1.69 20.91
C ALA A 269 9.38 -1.70 20.45
N GLN A 270 10.24 -2.43 21.16
CA GLN A 270 11.70 -2.42 20.89
C GLN A 270 12.14 -3.01 19.59
N TYR A 271 11.32 -3.86 19.00
CA TYR A 271 11.67 -4.38 17.69
C TYR A 271 10.89 -3.64 16.59
N ILE A 272 10.06 -2.67 16.97
CA ILE A 272 9.25 -2.02 15.97
C ILE A 272 9.95 -0.81 15.36
N THR A 273 10.19 -0.85 14.06
CA THR A 273 10.70 0.31 13.34
C THR A 273 10.18 0.31 11.88
N GLY A 274 10.01 1.51 11.35
CA GLY A 274 9.41 1.65 10.08
C GLY A 274 7.91 1.36 10.01
N SER A 275 7.20 1.30 11.15
CA SER A 275 5.78 1.01 11.17
C SER A 275 4.96 2.25 11.38
N ILE A 276 3.85 2.35 10.70
CA ILE A 276 2.95 3.49 10.86
C ILE A 276 1.63 2.93 11.34
N ILE A 277 1.27 3.28 12.58
CA ILE A 277 0.03 2.82 13.18
C ILE A 277 -1.08 3.79 12.91
N LYS A 278 -2.11 3.36 12.18
CA LYS A 278 -3.35 4.08 12.07
C LYS A 278 -4.09 4.06 13.39
N VAL A 279 -4.62 5.22 13.76
CA VAL A 279 -5.51 5.44 14.93
C VAL A 279 -6.70 6.22 14.39
N ASP A 280 -7.53 5.48 13.66
CA ASP A 280 -8.55 6.14 12.83
C ASP A 280 -9.94 5.61 12.97
N GLY A 281 -10.15 4.66 13.88
CA GLY A 281 -11.51 4.14 14.11
C GLY A 281 -12.12 3.52 12.87
N GLY A 282 -11.27 3.09 11.91
CA GLY A 282 -11.71 2.42 10.69
C GLY A 282 -11.97 3.34 9.53
N LEU A 283 -11.77 4.64 9.74
CA LEU A 283 -12.17 5.68 8.76
C LEU A 283 -11.57 5.46 7.38
N SER A 284 -10.29 5.13 7.34
CA SER A 284 -9.60 4.94 6.08
C SER A 284 -10.12 3.75 5.28
N LEU A 285 -10.86 2.85 5.92
CA LEU A 285 -11.41 1.67 5.22
C LEU A 285 -12.74 1.91 4.54
N VAL A 286 -13.30 3.07 4.76
CA VAL A 286 -14.66 3.36 4.31
C VAL A 286 -14.63 3.85 2.85
N HIS A 287 -15.29 3.15 1.94
CA HIS A 287 -15.43 3.68 0.56
C HIS A 287 -16.39 4.86 0.48
N ALA A 288 -16.29 5.62 -0.59
CA ALA A 288 -17.20 6.72 -0.72
C ALA A 288 -18.51 6.21 -1.25
N GLU B 22 -15.25 -9.17 36.75
CA GLU B 22 -14.38 -10.39 36.72
C GLU B 22 -13.48 -10.41 35.46
N ALA B 23 -12.73 -11.49 35.29
CA ALA B 23 -11.64 -11.50 34.33
C ALA B 23 -12.10 -11.83 32.87
N PRO B 24 -11.58 -11.10 31.90
CA PRO B 24 -11.87 -11.38 30.53
C PRO B 24 -11.31 -12.71 30.05
N ALA B 25 -11.76 -13.16 28.89
CA ALA B 25 -11.23 -14.40 28.31
C ALA B 25 -10.80 -14.28 26.82
N ALA B 26 -9.82 -15.11 26.45
CA ALA B 26 -9.21 -15.04 25.13
C ALA B 26 -9.02 -16.42 24.58
N VAL B 27 -9.23 -16.54 23.28
CA VAL B 27 -8.92 -17.73 22.48
C VAL B 27 -7.64 -17.36 21.68
N VAL B 28 -6.62 -18.22 21.78
CA VAL B 28 -5.41 -18.15 20.96
C VAL B 28 -5.24 -19.44 20.19
N THR B 29 -5.28 -19.33 18.86
CA THR B 29 -5.15 -20.53 18.06
C THR B 29 -3.67 -20.82 17.88
N GLY B 30 -3.29 -22.09 17.81
CA GLY B 30 -1.90 -22.47 17.64
C GLY B 30 -1.07 -22.02 18.81
N ALA B 31 -1.64 -22.17 20.01
CA ALA B 31 -1.08 -21.57 21.22
C ALA B 31 -0.13 -22.48 22.02
N ALA B 32 0.13 -23.67 21.51
CA ALA B 32 0.99 -24.64 22.24
C ALA B 32 2.49 -24.31 22.29
N LYS B 33 2.98 -23.60 21.30
CA LYS B 33 4.42 -23.46 21.07
C LYS B 33 4.71 -22.08 20.54
N ARG B 34 5.96 -21.65 20.64
CA ARG B 34 6.47 -20.48 19.91
C ARG B 34 5.63 -19.22 20.12
N ILE B 35 5.22 -18.55 19.02
CA ILE B 35 4.65 -17.25 19.16
C ILE B 35 3.28 -17.32 19.81
N GLY B 36 2.47 -18.32 19.43
CA GLY B 36 1.15 -18.50 20.05
C GLY B 36 1.20 -18.71 21.57
N ARG B 37 2.18 -19.48 21.98
CA ARG B 37 2.38 -19.72 23.40
C ARG B 37 2.76 -18.42 24.12
N ALA B 38 3.69 -17.64 23.56
CA ALA B 38 4.06 -16.34 24.17
C ALA B 38 2.92 -15.39 24.29
N ILE B 39 2.03 -15.41 23.29
CA ILE B 39 0.84 -14.60 23.28
C ILE B 39 -0.12 -15.05 24.41
N ALA B 40 -0.43 -16.34 24.46
CA ALA B 40 -1.28 -16.86 25.54
C ALA B 40 -0.74 -16.53 26.92
N VAL B 41 0.56 -16.71 27.11
CA VAL B 41 1.19 -16.47 28.42
C VAL B 41 1.08 -15.02 28.79
N LYS B 42 1.33 -14.13 27.85
CA LYS B 42 1.26 -12.72 28.16
C LYS B 42 -0.16 -12.29 28.44
N LEU B 43 -1.10 -12.82 27.69
CA LEU B 43 -2.46 -12.50 27.95
C LEU B 43 -2.84 -12.99 29.36
N HIS B 44 -2.39 -14.18 29.69
CA HIS B 44 -2.64 -14.76 30.99
C HIS B 44 -2.08 -13.90 32.10
N GLN B 45 -0.83 -13.48 31.94
CA GLN B 45 -0.15 -12.57 32.87
C GLN B 45 -0.88 -11.24 33.07
N THR B 46 -1.60 -10.78 32.06
CA THR B 46 -2.33 -9.52 32.10
C THR B 46 -3.65 -9.69 32.79
N GLY B 47 -4.05 -10.93 33.11
CA GLY B 47 -5.33 -11.17 33.80
C GLY B 47 -6.38 -11.96 33.01
N TYR B 48 -6.07 -12.35 31.78
CA TYR B 48 -7.00 -13.08 30.95
C TYR B 48 -7.00 -14.51 31.38
N ARG B 49 -8.16 -15.11 31.27
CA ARG B 49 -8.28 -16.55 31.13
C ARG B 49 -8.16 -16.93 29.67
N VAL B 50 -7.53 -18.07 29.38
CA VAL B 50 -7.20 -18.42 28.01
C VAL B 50 -7.63 -19.83 27.55
N VAL B 51 -8.09 -19.90 26.30
CA VAL B 51 -8.24 -21.17 25.59
C VAL B 51 -7.05 -21.37 24.70
N ILE B 52 -6.32 -22.43 25.00
CA ILE B 52 -5.13 -22.80 24.28
C ILE B 52 -5.55 -23.74 23.17
N HIS B 53 -5.76 -23.23 21.95
CA HIS B 53 -6.08 -24.12 20.84
C HIS B 53 -4.80 -24.76 20.33
N TYR B 54 -4.90 -26.01 19.87
CA TYR B 54 -3.78 -26.67 19.23
C TYR B 54 -4.28 -27.70 18.18
N HIS B 55 -3.32 -28.25 17.44
CA HIS B 55 -3.60 -29.28 16.47
C HIS B 55 -2.82 -30.59 16.80
N ASN B 56 -1.52 -30.65 16.55
CA ASN B 56 -0.71 -31.82 16.89
C ASN B 56 0.05 -31.73 18.21
N SER B 57 0.30 -30.52 18.74
CA SER B 57 1.22 -30.39 19.88
C SER B 57 0.48 -30.58 21.20
N ALA B 58 0.08 -31.82 21.47
CA ALA B 58 -0.89 -32.06 22.53
C ALA B 58 -0.21 -32.00 23.89
N GLU B 59 0.95 -32.61 23.99
CA GLU B 59 1.78 -32.49 25.20
C GLU B 59 2.13 -31.04 25.56
N ALA B 60 2.63 -30.25 24.59
CA ALA B 60 2.95 -28.83 24.84
C ALA B 60 1.73 -28.08 25.31
N ALA B 61 0.59 -28.29 24.68
CA ALA B 61 -0.60 -27.55 25.05
C ALA B 61 -1.07 -27.92 26.43
N VAL B 62 -1.05 -29.21 26.73
CA VAL B 62 -1.53 -29.68 28.04
C VAL B 62 -0.59 -29.16 29.15
N SER B 63 0.72 -29.21 28.96
CA SER B 63 1.68 -28.66 29.99
C SER B 63 1.55 -27.18 30.17
N LEU B 64 1.22 -26.46 29.08
CA LEU B 64 1.03 -25.02 29.15
C LEU B 64 -0.20 -24.72 29.98
N ALA B 65 -1.29 -25.41 29.71
CA ALA B 65 -2.51 -25.18 30.50
C ALA B 65 -2.26 -25.46 32.00
N ASP B 66 -1.46 -26.48 32.26
CA ASP B 66 -1.16 -26.92 33.64
C ASP B 66 -0.36 -25.82 34.36
N GLU B 67 0.68 -25.32 33.68
CA GLU B 67 1.55 -24.26 34.17
C GLU B 67 0.69 -23.03 34.52
N LEU B 68 -0.18 -22.64 33.61
CA LEU B 68 -1.06 -21.51 33.84
C LEU B 68 -2.07 -21.73 34.97
N ASN B 69 -2.72 -22.91 35.01
CA ASN B 69 -3.68 -23.19 36.10
C ASN B 69 -3.02 -23.31 37.48
N LYS B 70 -1.81 -23.85 37.51
CA LYS B 70 -0.98 -23.82 38.71
C LYS B 70 -0.80 -22.41 39.21
N GLU B 71 -0.64 -21.46 38.30
CA GLU B 71 -0.53 -20.05 38.60
C GLU B 71 -1.85 -19.44 39.11
N ARG B 72 -2.93 -19.62 38.35
CA ARG B 72 -4.26 -19.24 38.81
C ARG B 72 -5.22 -20.36 38.44
N SER B 73 -6.01 -20.80 39.40
CA SER B 73 -6.86 -21.98 39.21
C SER B 73 -7.91 -21.79 38.15
N ASN B 74 -8.04 -22.78 37.28
CA ASN B 74 -9.02 -22.84 36.20
C ASN B 74 -9.13 -21.56 35.36
N THR B 75 -7.96 -21.11 34.96
CA THR B 75 -7.85 -19.98 34.06
C THR B 75 -7.37 -20.38 32.67
N ALA B 76 -7.10 -21.67 32.44
CA ALA B 76 -6.63 -22.20 31.15
C ALA B 76 -7.28 -23.53 30.81
N VAL B 77 -7.70 -23.66 29.55
CA VAL B 77 -8.23 -24.94 29.02
C VAL B 77 -7.62 -25.16 27.67
N VAL B 78 -7.61 -26.41 27.21
CA VAL B 78 -7.09 -26.72 25.87
C VAL B 78 -8.23 -27.06 24.93
N CYS B 79 -8.01 -26.83 23.65
CA CYS B 79 -8.99 -27.19 22.61
C CYS B 79 -8.27 -27.59 21.33
N GLN B 80 -8.38 -28.87 20.98
CA GLN B 80 -7.75 -29.40 19.80
C GLN B 80 -8.69 -29.23 18.59
N ALA B 81 -8.10 -28.89 17.45
CA ALA B 81 -8.87 -28.85 16.19
C ALA B 81 -7.94 -28.61 15.01
N ASP B 82 -8.18 -29.37 13.94
CA ASP B 82 -7.48 -29.21 12.68
C ASP B 82 -8.19 -28.00 12.08
N LEU B 83 -7.44 -27.00 11.61
CA LEU B 83 -8.04 -25.84 10.93
C LEU B 83 -7.86 -25.85 9.40
N THR B 84 -7.45 -26.98 8.85
CA THR B 84 -7.55 -27.18 7.42
C THR B 84 -8.99 -26.93 6.95
N ASN B 85 -9.13 -26.36 5.75
CA ASN B 85 -10.43 -26.15 5.16
C ASN B 85 -11.09 -27.51 4.81
N SER B 86 -12.35 -27.62 5.17
CA SER B 86 -13.16 -28.81 4.87
C SER B 86 -14.61 -28.44 5.16
N ASN B 87 -15.50 -29.36 4.86
CA ASN B 87 -16.92 -29.19 5.19
C ASN B 87 -17.23 -29.11 6.70
N VAL B 88 -16.33 -29.59 7.54
CA VAL B 88 -16.55 -29.54 8.99
C VAL B 88 -15.86 -28.32 9.66
N LEU B 89 -15.11 -27.52 8.89
CA LEU B 89 -14.34 -26.44 9.52
C LEU B 89 -15.27 -25.43 10.25
N PRO B 90 -16.43 -25.07 9.65
CA PRO B 90 -17.36 -24.17 10.35
C PRO B 90 -17.81 -24.65 11.72
N ALA B 91 -18.12 -25.93 11.82
CA ALA B 91 -18.47 -26.51 13.13
C ALA B 91 -17.25 -26.53 14.10
N SER B 92 -16.07 -26.90 13.63
CA SER B 92 -14.87 -26.89 14.48
C SER B 92 -14.60 -25.51 15.03
N CYS B 93 -14.71 -24.51 14.17
CA CYS B 93 -14.48 -23.13 14.61
C CYS B 93 -15.50 -22.65 15.63
N GLU B 94 -16.78 -22.95 15.38
CA GLU B 94 -17.82 -22.67 16.34
C GLU B 94 -17.56 -23.36 17.69
N GLU B 95 -16.99 -24.57 17.65
CA GLU B 95 -16.72 -25.31 18.88
C GLU B 95 -15.57 -24.71 19.64
N ILE B 96 -14.59 -24.16 18.93
CA ILE B 96 -13.50 -23.47 19.60
C ILE B 96 -14.03 -22.29 20.44
N ILE B 97 -14.86 -21.46 19.83
CA ILE B 97 -15.45 -20.34 20.54
C ILE B 97 -16.35 -20.92 21.63
N ASN B 98 -17.13 -21.95 21.32
CA ASN B 98 -18.00 -22.52 22.35
C ASN B 98 -17.18 -22.97 23.58
N SER B 99 -15.97 -23.50 23.38
CA SER B 99 -15.16 -23.94 24.51
C SER B 99 -14.79 -22.80 25.42
N CYS B 100 -14.65 -21.59 24.86
CA CYS B 100 -14.37 -20.41 25.66
C CYS B 100 -15.57 -20.07 26.52
N PHE B 101 -16.74 -20.00 25.91
CA PHE B 101 -17.92 -19.77 26.72
C PHE B 101 -18.17 -20.89 27.75
N ARG B 102 -17.94 -22.14 27.35
CA ARG B 102 -18.11 -23.25 28.28
C ARG B 102 -17.17 -23.11 29.49
N ALA B 103 -15.90 -22.81 29.26
CA ALA B 103 -14.92 -22.69 30.35
C ALA B 103 -15.08 -21.46 31.16
N PHE B 104 -15.35 -20.36 30.49
CA PHE B 104 -15.21 -19.06 31.12
C PHE B 104 -16.45 -18.14 31.07
N GLY B 105 -17.51 -18.50 30.40
CA GLY B 105 -18.76 -17.70 30.40
C GLY B 105 -18.71 -16.45 29.53
N ARG B 106 -17.62 -16.24 28.81
CA ARG B 106 -17.50 -15.06 27.94
C ARG B 106 -16.32 -15.25 26.99
N CYS B 107 -16.28 -14.46 25.90
CA CYS B 107 -15.11 -14.49 24.97
C CYS B 107 -14.82 -13.08 24.46
N ASP B 108 -13.79 -12.45 25.01
CA ASP B 108 -13.47 -11.02 24.82
C ASP B 108 -12.48 -10.78 23.71
N VAL B 109 -11.55 -11.73 23.53
CA VAL B 109 -10.48 -11.64 22.57
C VAL B 109 -10.27 -12.95 21.77
N LEU B 110 -10.00 -12.81 20.48
CA LEU B 110 -9.65 -13.91 19.59
C LEU B 110 -8.35 -13.56 18.93
N VAL B 111 -7.36 -14.44 19.00
CA VAL B 111 -6.06 -14.24 18.36
C VAL B 111 -5.86 -15.33 17.34
N ASN B 112 -5.86 -14.94 16.05
CA ASN B 112 -5.70 -15.93 14.97
C ASN B 112 -4.24 -16.09 14.62
N ASN B 113 -3.65 -17.13 15.17
CA ASN B 113 -2.19 -17.31 15.10
C ASN B 113 -1.77 -18.57 14.37
N ALA B 114 -2.55 -19.65 14.54
CA ALA B 114 -2.31 -20.92 13.83
C ALA B 114 -2.07 -20.76 12.32
N SER B 115 -1.05 -21.42 11.80
CA SER B 115 -0.68 -21.22 10.40
C SER B 115 0.14 -22.35 9.84
N ALA B 116 -0.32 -22.91 8.71
CA ALA B 116 0.48 -23.85 7.96
C ALA B 116 1.39 -23.01 7.06
N PHE B 117 2.63 -23.50 6.86
CA PHE B 117 3.65 -22.75 6.20
C PHE B 117 4.55 -23.75 5.52
N TYR B 118 4.52 -23.83 4.18
CA TYR B 118 5.48 -24.64 3.43
C TYR B 118 5.39 -24.32 1.95
N PRO B 119 6.43 -24.67 1.20
CA PRO B 119 6.39 -24.24 -0.19
C PRO B 119 5.38 -25.01 -1.04
N THR B 120 4.85 -24.37 -2.10
CA THR B 120 3.89 -24.98 -3.05
C THR B 120 4.25 -24.49 -4.44
N PRO B 121 5.29 -25.08 -5.03
CA PRO B 121 5.79 -24.50 -6.30
C PRO B 121 4.72 -24.59 -7.39
N LEU B 122 4.66 -23.57 -8.22
CA LEU B 122 3.80 -23.59 -9.39
C LEU B 122 4.26 -24.60 -10.46
N VAL B 123 5.57 -24.85 -10.56
CA VAL B 123 6.09 -25.84 -11.50
C VAL B 123 7.03 -26.79 -10.77
N GLN B 124 6.93 -28.07 -11.09
CA GLN B 124 7.91 -29.07 -10.66
C GLN B 124 8.84 -29.35 -11.83
N GLY B 133 4.37 -35.75 -0.25
CA GLY B 133 3.39 -36.32 -1.18
C GLY B 133 1.96 -35.80 -0.97
N LYS B 134 1.79 -34.53 -0.57
CA LYS B 134 0.44 -33.93 -0.40
C LYS B 134 -0.10 -33.53 -1.75
N THR B 135 -1.39 -33.75 -2.03
CA THR B 135 -1.94 -33.25 -3.28
C THR B 135 -2.15 -31.74 -3.23
N VAL B 136 -2.18 -31.10 -4.40
CA VAL B 136 -2.34 -29.66 -4.39
C VAL B 136 -3.67 -29.26 -3.70
N GLU B 137 -4.73 -30.06 -3.86
CA GLU B 137 -5.99 -29.68 -3.22
C GLU B 137 -5.89 -29.71 -1.68
N THR B 138 -5.02 -30.57 -1.14
CA THR B 138 -4.73 -30.60 0.29
C THR B 138 -3.87 -29.41 0.74
N GLN B 139 -2.89 -29.05 -0.06
CA GLN B 139 -2.08 -27.88 0.20
C GLN B 139 -2.97 -26.63 0.25
N VAL B 140 -3.84 -26.51 -0.74
CA VAL B 140 -4.87 -25.48 -0.74
C VAL B 140 -5.67 -25.47 0.55
N ALA B 141 -6.24 -26.61 0.89
CA ALA B 141 -7.06 -26.71 2.09
C ALA B 141 -6.28 -26.31 3.34
N GLU B 142 -5.03 -26.72 3.47
CA GLU B 142 -4.26 -26.45 4.70
C GLU B 142 -3.81 -24.99 4.77
N LEU B 143 -3.25 -24.51 3.67
CA LEU B 143 -2.63 -23.21 3.64
C LEU B 143 -3.65 -22.08 3.61
N ILE B 144 -4.70 -22.22 2.83
CA ILE B 144 -5.76 -21.22 2.80
C ILE B 144 -6.72 -21.43 3.99
N GLY B 145 -6.97 -22.67 4.37
CA GLY B 145 -7.77 -22.90 5.59
C GLY B 145 -7.22 -22.25 6.86
N THR B 146 -5.98 -22.61 7.23
CA THR B 146 -5.37 -22.14 8.46
C THR B 146 -5.15 -20.62 8.48
N ASN B 147 -4.64 -20.11 7.36
CA ASN B 147 -4.26 -18.70 7.28
C ASN B 147 -5.40 -17.73 7.02
N ALA B 148 -6.51 -18.17 6.46
CA ALA B 148 -7.59 -17.26 6.02
C ALA B 148 -8.98 -17.75 6.33
N ILE B 149 -9.31 -18.96 5.95
CA ILE B 149 -10.68 -19.41 6.12
C ILE B 149 -11.09 -19.65 7.61
N ALA B 150 -10.28 -20.39 8.32
CA ALA B 150 -10.49 -20.57 9.76
C ALA B 150 -10.54 -19.23 10.50
N PRO B 151 -9.62 -18.31 10.22
CA PRO B 151 -9.84 -16.97 10.80
C PRO B 151 -11.23 -16.34 10.58
N PHE B 152 -11.74 -16.45 9.37
CA PHE B 152 -13.05 -15.89 9.00
C PHE B 152 -14.18 -16.60 9.79
N LEU B 153 -14.12 -17.92 9.84
CA LEU B 153 -15.13 -18.73 10.53
C LEU B 153 -15.13 -18.47 12.05
N LEU B 154 -13.92 -18.35 12.61
CA LEU B 154 -13.73 -17.99 14.02
C LEU B 154 -14.22 -16.61 14.31
N THR B 155 -13.92 -15.67 13.41
CA THR B 155 -14.45 -14.33 13.53
C THR B 155 -16.00 -14.33 13.55
N MET B 156 -16.63 -15.07 12.63
CA MET B 156 -18.09 -15.21 12.54
CA MET B 156 -18.08 -15.18 12.55
C MET B 156 -18.69 -15.71 13.85
N SER B 157 -18.14 -16.79 14.35
CA SER B 157 -18.62 -17.41 15.59
C SER B 157 -18.39 -16.47 16.77
N PHE B 158 -17.22 -15.82 16.78
CA PHE B 158 -16.85 -14.91 17.86
C PHE B 158 -17.85 -13.81 17.92
N ALA B 159 -18.15 -13.19 16.78
CA ALA B 159 -19.14 -12.11 16.71
C ALA B 159 -20.56 -12.57 17.00
N GLN B 160 -20.94 -13.68 16.41
CA GLN B 160 -22.28 -14.21 16.64
C GLN B 160 -22.55 -14.47 18.14
N ARG B 161 -21.57 -14.96 18.89
CA ARG B 161 -21.77 -15.36 20.28
C ARG B 161 -21.78 -14.24 21.30
N GLN B 162 -21.61 -12.99 20.88
CA GLN B 162 -21.49 -11.88 21.85
C GLN B 162 -22.82 -11.57 22.53
N SER B 172 -16.74 -3.02 28.27
CA SER B 172 -16.32 -4.07 27.35
C SER B 172 -15.31 -3.58 26.26
N ASN B 173 -14.32 -4.43 26.03
CA ASN B 173 -13.21 -4.19 25.16
C ASN B 173 -13.03 -5.46 24.33
N LEU B 174 -13.85 -5.63 23.30
CA LEU B 174 -13.82 -6.84 22.48
C LEU B 174 -12.89 -6.59 21.31
N SER B 175 -12.00 -7.53 21.03
CA SER B 175 -11.19 -7.43 19.82
C SER B 175 -10.63 -8.75 19.30
N ILE B 176 -10.19 -8.67 18.06
CA ILE B 176 -9.57 -9.75 17.31
C ILE B 176 -8.21 -9.26 16.83
N VAL B 177 -7.20 -10.10 16.94
CA VAL B 177 -5.90 -9.79 16.39
C VAL B 177 -5.48 -11.00 15.50
N ASN B 178 -5.13 -10.70 14.25
CA ASN B 178 -4.80 -11.62 13.23
C ASN B 178 -3.30 -11.53 13.03
N LEU B 179 -2.63 -12.66 13.10
CA LEU B 179 -1.19 -12.68 12.86
C LEU B 179 -0.98 -12.70 11.36
N CYS B 180 -0.50 -11.57 10.84
CA CYS B 180 -0.23 -11.38 9.43
C CYS B 180 1.25 -11.68 9.09
N ASP B 181 1.83 -11.03 8.10
CA ASP B 181 3.20 -11.26 7.68
C ASP B 181 3.70 -9.97 6.99
N ALA B 182 4.73 -9.39 7.58
CA ALA B 182 5.33 -8.15 7.08
C ALA B 182 5.87 -8.27 5.66
N MET B 183 6.29 -9.47 5.25
CA MET B 183 6.88 -9.69 3.89
C MET B 183 5.85 -10.02 2.81
N VAL B 184 4.59 -9.77 3.10
CA VAL B 184 3.50 -10.18 2.23
C VAL B 184 3.52 -9.58 0.78
N ASP B 185 4.17 -8.43 0.63
CA ASP B 185 4.34 -7.82 -0.69
C ASP B 185 5.72 -8.06 -1.30
N GLN B 186 6.57 -8.85 -0.61
CA GLN B 186 7.82 -9.36 -1.17
C GLN B 186 7.92 -10.86 -0.83
N PRO B 187 7.08 -11.67 -1.48
CA PRO B 187 6.90 -13.03 -1.01
C PRO B 187 8.13 -13.95 -1.24
N CYS B 188 8.25 -14.98 -0.43
CA CYS B 188 9.27 -15.99 -0.63
C CYS B 188 8.95 -16.74 -1.92
N MET B 189 10.00 -17.10 -2.64
CA MET B 189 9.89 -17.89 -3.81
C MET B 189 9.15 -19.23 -3.55
N ALA B 190 8.20 -19.57 -4.41
CA ALA B 190 7.49 -20.85 -4.35
C ALA B 190 6.51 -20.99 -3.20
N PHE B 191 6.12 -19.87 -2.60
CA PHE B 191 5.14 -19.88 -1.50
C PHE B 191 3.80 -19.20 -1.85
N SER B 192 3.32 -19.39 -3.08
CA SER B 192 2.15 -18.66 -3.52
C SER B 192 0.88 -18.93 -2.63
N LEU B 193 0.56 -20.16 -2.27
CA LEU B 193 -0.65 -20.40 -1.43
C LEU B 193 -0.56 -19.83 -0.05
N TYR B 194 0.59 -19.98 0.60
CA TYR B 194 0.84 -19.32 1.90
C TYR B 194 0.62 -17.79 1.78
N ASN B 195 1.23 -17.20 0.76
CA ASN B 195 1.16 -15.77 0.57
C ASN B 195 -0.27 -15.35 0.23
N MET B 196 -0.95 -16.16 -0.55
CA MET B 196 -2.34 -15.89 -0.87
C MET B 196 -3.20 -15.94 0.41
N GLY B 197 -2.90 -16.90 1.28
CA GLY B 197 -3.56 -17.02 2.56
C GLY B 197 -3.36 -15.80 3.46
N LYS B 198 -2.13 -15.34 3.56
CA LYS B 198 -1.82 -14.10 4.29
C LYS B 198 -2.41 -12.84 3.67
N HIS B 199 -2.50 -12.79 2.34
CA HIS B 199 -3.19 -11.65 1.73
C HIS B 199 -4.63 -11.65 2.09
N ALA B 200 -5.25 -12.84 1.95
CA ALA B 200 -6.61 -12.97 2.27
C ALA B 200 -6.84 -12.52 3.71
N LEU B 201 -5.91 -12.86 4.59
CA LEU B 201 -6.04 -12.46 6.00
C LEU B 201 -6.01 -10.93 6.22
N VAL B 202 -5.23 -10.21 5.40
CA VAL B 202 -5.25 -8.73 5.45
C VAL B 202 -6.64 -8.25 5.11
N GLY B 203 -7.20 -8.82 4.03
CA GLY B 203 -8.55 -8.50 3.57
C GLY B 203 -9.59 -8.73 4.63
N LEU B 204 -9.54 -9.88 5.28
CA LEU B 204 -10.38 -10.18 6.42
C LEU B 204 -10.25 -9.16 7.56
N THR B 205 -9.02 -8.82 7.90
CA THR B 205 -8.79 -7.80 8.95
C THR B 205 -9.58 -6.50 8.66
N GLN B 206 -9.39 -6.02 7.42
CA GLN B 206 -10.04 -4.78 6.98
C GLN B 206 -11.56 -4.91 6.97
N SER B 207 -12.05 -5.93 6.26
CA SER B 207 -13.49 -6.16 6.08
C SER B 207 -14.19 -6.34 7.42
N ALA B 208 -13.61 -7.17 8.27
CA ALA B 208 -14.19 -7.36 9.59
C ALA B 208 -14.10 -6.12 10.52
N ALA B 209 -13.00 -5.40 10.49
CA ALA B 209 -12.96 -4.15 11.24
C ALA B 209 -14.17 -3.24 10.88
N LEU B 210 -14.47 -3.15 9.59
CA LEU B 210 -15.51 -2.28 9.11
C LEU B 210 -16.86 -2.83 9.55
N GLU B 211 -17.05 -4.13 9.38
CA GLU B 211 -18.34 -4.74 9.63
C GLU B 211 -18.66 -4.91 11.13
N LEU B 212 -17.65 -5.19 11.94
CA LEU B 212 -17.87 -5.37 13.34
C LEU B 212 -17.70 -4.13 14.17
N ALA B 213 -17.25 -3.02 13.56
CA ALA B 213 -17.13 -1.78 14.29
C ALA B 213 -18.44 -1.39 15.00
N PRO B 214 -19.60 -1.53 14.32
CA PRO B 214 -20.88 -1.21 14.98
C PRO B 214 -21.18 -2.09 16.17
N TYR B 215 -20.50 -3.23 16.34
CA TYR B 215 -20.71 -4.05 17.53
C TYR B 215 -19.67 -3.85 18.59
N GLY B 216 -18.80 -2.87 18.39
CA GLY B 216 -17.75 -2.58 19.29
C GLY B 216 -16.63 -3.60 19.28
N ILE B 217 -16.52 -4.41 18.24
CA ILE B 217 -15.36 -5.30 18.11
C ILE B 217 -14.35 -4.69 17.16
N ARG B 218 -13.17 -4.44 17.69
CA ARG B 218 -12.02 -3.97 16.90
C ARG B 218 -11.35 -5.19 16.27
N VAL B 219 -10.71 -4.99 15.12
CA VAL B 219 -10.02 -6.09 14.44
C VAL B 219 -8.77 -5.52 13.87
N ASN B 220 -7.64 -6.05 14.33
CA ASN B 220 -6.33 -5.55 13.93
C ASN B 220 -5.38 -6.72 13.63
N GLY B 221 -4.18 -6.37 13.17
CA GLY B 221 -3.18 -7.37 12.79
C GLY B 221 -1.87 -7.04 13.43
N VAL B 222 -1.06 -8.06 13.66
CA VAL B 222 0.36 -7.94 14.02
C VAL B 222 1.11 -8.68 12.95
N ALA B 223 2.11 -8.05 12.35
CA ALA B 223 2.80 -8.65 11.17
C ALA B 223 4.28 -8.83 11.49
N PRO B 224 4.68 -10.04 11.92
CA PRO B 224 6.11 -10.31 12.15
C PRO B 224 6.87 -10.31 10.86
N GLY B 225 8.16 -10.05 10.93
CA GLY B 225 9.04 -10.31 9.80
C GLY B 225 9.74 -11.68 9.87
N VAL B 226 10.79 -11.73 10.65
CA VAL B 226 11.39 -12.98 11.08
C VAL B 226 11.42 -12.98 12.59
N SER B 227 10.80 -14.01 13.15
CA SER B 227 10.73 -14.24 14.59
C SER B 227 11.05 -15.73 14.87
N LEU B 228 11.72 -15.96 16.00
CA LEU B 228 11.96 -17.30 16.53
C LEU B 228 12.23 -18.27 15.41
N LEU B 229 13.47 -18.41 15.01
CA LEU B 229 13.75 -19.29 13.88
C LEU B 229 13.67 -20.74 14.33
N PRO B 230 13.45 -21.68 13.39
CA PRO B 230 13.38 -23.08 13.76
C PRO B 230 14.60 -23.56 14.58
N VAL B 231 14.37 -24.38 15.61
CA VAL B 231 15.48 -24.88 16.44
C VAL B 231 16.42 -25.71 15.57
N ALA B 232 15.82 -26.45 14.63
CA ALA B 232 16.52 -27.34 13.71
C ALA B 232 17.38 -26.63 12.67
N MET B 233 17.07 -25.38 12.37
CA MET B 233 17.82 -24.60 11.39
C MET B 233 19.26 -24.30 11.88
N GLY B 234 20.25 -24.58 11.07
CA GLY B 234 21.64 -24.32 11.47
C GLY B 234 21.77 -22.84 11.84
N GLU B 235 22.61 -22.55 12.82
CA GLU B 235 22.89 -21.17 13.18
C GLU B 235 23.38 -20.34 12.01
N GLU B 236 24.12 -20.97 11.11
CA GLU B 236 24.70 -20.26 9.98
C GLU B 236 23.59 -19.89 8.99
N GLU B 237 22.53 -20.69 8.93
CA GLU B 237 21.36 -20.34 8.13
C GLU B 237 20.57 -19.22 8.87
N LYS B 238 20.36 -19.38 10.17
CA LYS B 238 19.69 -18.36 10.99
C LYS B 238 20.39 -17.01 10.82
N ASP B 239 21.72 -17.02 10.84
CA ASP B 239 22.48 -15.78 10.65
C ASP B 239 22.26 -15.11 9.27
N LYS B 240 21.96 -15.86 8.20
CA LYS B 240 21.59 -15.21 6.90
C LYS B 240 20.27 -14.39 6.98
N TRP B 241 19.35 -14.80 7.85
CA TRP B 241 18.15 -14.04 8.10
C TRP B 241 18.50 -12.89 9.00
N ARG B 242 19.25 -13.17 10.05
CA ARG B 242 19.58 -12.14 11.01
C ARG B 242 20.27 -11.00 10.34
N ARG B 243 21.19 -11.31 9.42
CA ARG B 243 21.98 -10.27 8.72
C ARG B 243 21.11 -9.33 7.91
N LYS B 244 19.94 -9.78 7.50
CA LYS B 244 19.02 -8.91 6.75
C LYS B 244 18.27 -7.90 7.63
N VAL B 245 18.17 -8.13 8.92
CA VAL B 245 17.36 -7.24 9.76
C VAL B 245 18.10 -5.95 10.12
N PRO B 246 17.58 -4.79 9.67
CA PRO B 246 18.30 -3.55 10.04
C PRO B 246 18.38 -3.32 11.51
N LEU B 247 17.30 -3.56 12.26
CA LEU B 247 17.32 -3.28 13.69
C LEU B 247 17.90 -4.45 14.48
N GLY B 248 19.19 -4.37 14.73
CA GLY B 248 19.90 -5.32 15.60
C GLY B 248 20.45 -6.57 14.97
N ARG B 249 20.27 -6.71 13.66
CA ARG B 249 20.72 -7.90 12.94
C ARG B 249 20.26 -9.18 13.66
N ARG B 250 19.03 -9.20 14.10
CA ARG B 250 18.44 -10.37 14.72
C ARG B 250 16.92 -10.42 14.57
N GLU B 251 16.45 -11.62 14.83
CA GLU B 251 15.07 -11.96 14.73
C GLU B 251 14.35 -11.49 15.96
N ALA B 252 13.03 -11.35 15.84
CA ALA B 252 12.19 -11.00 16.95
C ALA B 252 12.04 -12.22 17.89
N SER B 253 11.96 -11.92 19.17
CA SER B 253 11.56 -12.93 20.14
C SER B 253 10.06 -13.13 19.97
N ALA B 254 9.59 -14.28 20.41
CA ALA B 254 8.16 -14.49 20.54
C ALA B 254 7.50 -13.46 21.42
N GLU B 255 8.20 -13.03 22.48
CA GLU B 255 7.62 -12.08 23.42
C GLU B 255 7.41 -10.67 22.80
N GLN B 256 8.32 -10.27 21.93
CA GLN B 256 8.19 -8.99 21.23
C GLN B 256 6.97 -8.96 20.34
N ILE B 257 6.67 -10.09 19.69
CA ILE B 257 5.43 -10.20 18.88
C ILE B 257 4.23 -10.09 19.82
N ALA B 258 4.30 -10.84 20.93
CA ALA B 258 3.20 -10.84 21.85
C ALA B 258 2.90 -9.45 22.42
N ASP B 259 3.97 -8.66 22.65
CA ASP B 259 3.87 -7.26 23.12
C ASP B 259 2.94 -6.43 22.25
N ALA B 260 3.05 -6.58 20.92
CA ALA B 260 2.15 -5.83 20.00
C ALA B 260 0.70 -6.29 20.16
N VAL B 261 0.52 -7.59 20.39
CA VAL B 261 -0.83 -8.14 20.59
C VAL B 261 -1.49 -7.59 21.86
N ILE B 262 -0.76 -7.65 22.95
CA ILE B 262 -1.17 -7.06 24.23
C ILE B 262 -1.55 -5.58 24.08
N PHE B 263 -0.75 -4.83 23.34
CA PHE B 263 -1.13 -3.41 23.10
C PHE B 263 -2.44 -3.32 22.34
N LEU B 264 -2.58 -4.09 21.26
CA LEU B 264 -3.82 -3.96 20.44
C LEU B 264 -5.04 -4.35 21.24
N VAL B 265 -4.90 -5.33 22.15
CA VAL B 265 -6.07 -5.73 22.91
C VAL B 265 -6.33 -4.82 24.09
N SER B 266 -5.37 -3.97 24.47
CA SER B 266 -5.50 -3.06 25.65
C SER B 266 -6.41 -1.90 25.48
N GLY B 267 -6.74 -1.27 26.59
CA GLY B 267 -7.44 -0.01 26.56
C GLY B 267 -6.64 1.14 25.91
N SER B 268 -5.33 0.97 25.74
CA SER B 268 -4.51 2.01 25.05
C SER B 268 -4.73 2.06 23.53
N ALA B 269 -5.56 1.14 23.00
CA ALA B 269 -5.77 0.97 21.58
C ALA B 269 -7.24 0.99 21.25
N GLN B 270 -8.03 1.68 22.08
CA GLN B 270 -9.50 1.63 21.97
C GLN B 270 -10.06 2.23 20.69
N TYR B 271 -9.31 3.06 20.01
CA TYR B 271 -9.78 3.70 18.76
C TYR B 271 -9.12 3.06 17.54
N ILE B 272 -8.30 2.06 17.79
CA ILE B 272 -7.54 1.42 16.70
C ILE B 272 -8.27 0.20 16.16
N THR B 273 -8.71 0.29 14.92
CA THR B 273 -9.26 -0.87 14.24
C THR B 273 -8.85 -0.83 12.74
N GLY B 274 -8.66 -2.02 12.15
CA GLY B 274 -8.28 -2.16 10.77
C GLY B 274 -6.80 -1.85 10.56
N SER B 275 -6.03 -1.78 11.64
CA SER B 275 -4.60 -1.49 11.56
C SER B 275 -3.80 -2.72 11.70
N ILE B 276 -2.74 -2.79 10.91
CA ILE B 276 -1.84 -3.91 10.94
C ILE B 276 -0.45 -3.39 11.36
N ILE B 277 -0.03 -3.75 12.55
CA ILE B 277 1.25 -3.28 13.02
C ILE B 277 2.35 -4.25 12.64
N LYS B 278 3.31 -3.80 11.82
CA LYS B 278 4.52 -4.58 11.58
C LYS B 278 5.42 -4.62 12.83
N VAL B 279 6.02 -5.79 13.09
CA VAL B 279 7.01 -5.95 14.15
C VAL B 279 8.13 -6.71 13.53
N ASP B 280 8.92 -6.03 12.71
CA ASP B 280 9.83 -6.70 11.82
C ASP B 280 11.27 -6.13 11.80
N GLY B 281 11.57 -5.21 12.71
CA GLY B 281 12.84 -4.54 12.77
C GLY B 281 13.37 -3.89 11.50
N GLY B 282 12.45 -3.48 10.64
CA GLY B 282 12.79 -2.89 9.35
C GLY B 282 12.95 -3.81 8.16
N LEU B 283 12.74 -5.12 8.37
CA LEU B 283 13.04 -6.09 7.32
C LEU B 283 12.32 -5.86 6.00
N SER B 284 11.04 -5.55 6.06
CA SER B 284 10.26 -5.30 4.89
C SER B 284 10.68 -4.04 4.15
N LEU B 285 11.52 -3.19 4.76
CA LEU B 285 12.00 -1.99 4.10
C LEU B 285 13.23 -2.20 3.28
N VAL B 286 13.81 -3.40 3.31
CA VAL B 286 15.13 -3.60 2.73
C VAL B 286 14.96 -4.09 1.30
N HIS B 287 15.59 -3.41 0.36
CA HIS B 287 15.45 -3.82 -1.05
C HIS B 287 16.30 -5.06 -1.35
N ALA B 288 16.04 -5.73 -2.47
CA ALA B 288 16.84 -6.92 -2.83
C ALA B 288 18.27 -6.56 -3.13
N GLU C 22 -5.42 19.51 -35.91
CA GLU C 22 -4.14 19.91 -35.26
C GLU C 22 -3.44 18.73 -34.58
N ALA C 23 -2.12 18.71 -34.64
CA ALA C 23 -1.36 17.72 -33.91
C ALA C 23 -1.34 18.16 -32.42
N PRO C 24 -1.62 17.23 -31.50
CA PRO C 24 -1.48 17.59 -30.06
C PRO C 24 -0.03 17.89 -29.64
N ALA C 25 0.13 18.53 -28.47
CA ALA C 25 1.45 18.96 -28.00
C ALA C 25 1.73 18.49 -26.57
N ALA C 26 2.99 18.16 -26.33
CA ALA C 26 3.46 17.65 -25.05
C ALA C 26 4.69 18.37 -24.54
N VAL C 27 4.74 18.51 -23.23
CA VAL C 27 5.95 18.94 -22.57
C VAL C 27 6.57 17.76 -21.87
N VAL C 28 7.85 17.48 -22.15
CA VAL C 28 8.62 16.53 -21.42
C VAL C 28 9.76 17.23 -20.69
N THR C 29 9.74 17.13 -19.35
CA THR C 29 10.84 17.73 -18.60
C THR C 29 12.02 16.76 -18.59
N GLY C 30 13.23 17.29 -18.58
CA GLY C 30 14.44 16.50 -18.54
C GLY C 30 14.55 15.59 -19.76
N ALA C 31 14.18 16.13 -20.92
CA ALA C 31 14.04 15.33 -22.13
C ALA C 31 15.24 15.24 -23.05
N ALA C 32 16.40 15.77 -22.65
CA ALA C 32 17.52 15.78 -23.55
C ALA C 32 18.18 14.44 -23.70
N LYS C 33 17.99 13.58 -22.71
CA LYS C 33 18.83 12.37 -22.55
C LYS C 33 18.00 11.24 -21.99
N ARG C 34 18.48 10.02 -22.19
CA ARG C 34 18.03 8.87 -21.41
C ARG C 34 16.54 8.68 -21.51
N ILE C 35 15.85 8.46 -20.41
CA ILE C 35 14.41 8.12 -20.44
C ILE C 35 13.54 9.25 -20.97
N GLY C 36 13.83 10.51 -20.56
CA GLY C 36 13.06 11.67 -21.07
C GLY C 36 13.12 11.75 -22.60
N ARG C 37 14.29 11.48 -23.14
CA ARG C 37 14.52 11.50 -24.58
C ARG C 37 13.67 10.45 -25.32
N ALA C 38 13.67 9.19 -24.84
CA ALA C 38 12.81 8.14 -25.37
C ALA C 38 11.34 8.48 -25.34
N ILE C 39 10.92 9.12 -24.24
CA ILE C 39 9.52 9.56 -24.11
C ILE C 39 9.21 10.62 -25.16
N ALA C 40 10.07 11.64 -25.25
CA ALA C 40 9.88 12.68 -26.28
C ALA C 40 9.81 12.11 -27.70
N VAL C 41 10.76 11.24 -28.00
CA VAL C 41 10.88 10.61 -29.32
C VAL C 41 9.62 9.84 -29.59
N LYS C 42 9.18 9.07 -28.60
CA LYS C 42 8.04 8.20 -28.82
C LYS C 42 6.73 8.98 -28.92
N LEU C 43 6.57 10.02 -28.11
CA LEU C 43 5.45 10.93 -28.29
C LEU C 43 5.45 11.55 -29.71
N HIS C 44 6.62 11.97 -30.16
CA HIS C 44 6.76 12.60 -31.47
C HIS C 44 6.38 11.61 -32.56
N GLN C 45 6.86 10.37 -32.40
CA GLN C 45 6.55 9.27 -33.32
C GLN C 45 5.11 9.01 -33.39
N THR C 46 4.40 9.26 -32.28
CA THR C 46 2.94 9.05 -32.20
C THR C 46 2.15 10.23 -32.74
N GLY C 47 2.81 11.34 -33.08
CA GLY C 47 2.12 12.47 -33.71
C GLY C 47 2.14 13.75 -32.89
N TYR C 48 2.82 13.72 -31.74
CA TYR C 48 2.81 14.87 -30.87
C TYR C 48 3.88 15.83 -31.30
N ARG C 49 3.57 17.12 -31.19
CA ARG C 49 4.60 18.14 -31.15
C ARG C 49 5.17 18.23 -29.73
N VAL C 50 6.48 18.42 -29.60
CA VAL C 50 7.10 18.37 -28.27
C VAL C 50 7.94 19.60 -27.84
N VAL C 51 7.75 20.00 -26.59
CA VAL C 51 8.68 20.86 -25.88
C VAL C 51 9.70 19.97 -25.12
N ILE C 52 10.98 20.14 -25.47
CA ILE C 52 12.10 19.45 -24.88
C ILE C 52 12.68 20.33 -23.80
N HIS C 53 12.30 20.10 -22.54
CA HIS C 53 12.93 20.87 -21.43
C HIS C 53 14.24 20.22 -21.04
N TYR C 54 15.21 21.03 -20.64
CA TYR C 54 16.48 20.53 -20.23
C TYR C 54 17.09 21.51 -19.20
N HIS C 55 18.06 21.03 -18.44
CA HIS C 55 18.71 21.89 -17.46
C HIS C 55 20.13 22.21 -17.92
N ASN C 56 21.04 21.24 -17.92
CA ASN C 56 22.43 21.43 -18.36
C ASN C 56 22.76 20.80 -19.73
N SER C 57 21.91 19.93 -20.25
CA SER C 57 22.28 19.17 -21.48
C SER C 57 21.78 19.93 -22.74
N ALA C 58 22.35 21.11 -22.95
CA ALA C 58 21.91 22.01 -24.03
C ALA C 58 22.20 21.44 -25.39
N GLU C 59 23.41 20.89 -25.54
CA GLU C 59 23.82 20.38 -26.84
C GLU C 59 22.97 19.16 -27.21
N ALA C 60 22.65 18.30 -26.24
CA ALA C 60 21.80 17.14 -26.58
C ALA C 60 20.35 17.57 -26.81
N ALA C 61 19.85 18.56 -26.08
CA ALA C 61 18.46 18.99 -26.33
C ALA C 61 18.30 19.54 -27.72
N VAL C 62 19.22 20.43 -28.08
CA VAL C 62 19.20 21.06 -29.40
C VAL C 62 19.36 19.99 -30.50
N SER C 63 20.30 19.03 -30.39
CA SER C 63 20.32 18.01 -31.49
C SER C 63 19.08 17.14 -31.51
N LEU C 64 18.46 16.87 -30.37
CA LEU C 64 17.20 16.14 -30.39
C LEU C 64 16.13 16.94 -31.15
N ALA C 65 16.02 18.24 -30.86
CA ALA C 65 15.05 19.10 -31.55
C ALA C 65 15.26 19.11 -33.06
N ASP C 66 16.51 19.21 -33.47
CA ASP C 66 16.92 19.16 -34.86
C ASP C 66 16.47 17.87 -35.50
N GLU C 67 16.69 16.76 -34.81
CA GLU C 67 16.35 15.46 -35.34
C GLU C 67 14.86 15.35 -35.50
N LEU C 68 14.10 15.76 -34.51
CA LEU C 68 12.66 15.65 -34.62
C LEU C 68 12.10 16.58 -35.68
N ASN C 69 12.62 17.82 -35.76
CA ASN C 69 12.15 18.76 -36.82
C ASN C 69 12.57 18.33 -38.22
N LYS C 70 13.73 17.71 -38.31
CA LYS C 70 14.18 17.05 -39.54
C LYS C 70 13.08 16.11 -39.99
N GLU C 71 12.56 15.34 -39.05
CA GLU C 71 11.49 14.40 -39.36
C GLU C 71 10.18 15.07 -39.70
N ARG C 72 9.73 16.06 -38.93
CA ARG C 72 8.47 16.74 -39.28
C ARG C 72 8.69 18.18 -38.89
N SER C 73 8.54 19.12 -39.83
CA SER C 73 9.00 20.47 -39.51
C SER C 73 8.10 21.21 -38.51
N ASN C 74 8.72 21.96 -37.60
CA ASN C 74 8.01 22.78 -36.63
C ASN C 74 7.22 21.89 -35.65
N THR C 75 7.83 20.79 -35.22
CA THR C 75 7.22 19.96 -34.20
C THR C 75 8.05 19.78 -32.94
N ALA C 76 9.17 20.47 -32.81
CA ALA C 76 9.97 20.39 -31.59
C ALA C 76 10.64 21.71 -31.30
N VAL C 77 10.58 22.12 -30.03
CA VAL C 77 11.34 23.28 -29.53
C VAL C 77 12.00 22.90 -28.20
N VAL C 78 13.00 23.68 -27.75
CA VAL C 78 13.62 23.47 -26.44
C VAL C 78 13.24 24.56 -25.45
N CYS C 79 13.36 24.23 -24.17
CA CYS C 79 13.15 25.21 -23.13
C CYS C 79 14.06 24.85 -21.98
N GLN C 80 14.94 25.76 -21.64
CA GLN C 80 15.85 25.58 -20.54
C GLN C 80 15.25 26.08 -19.23
N ALA C 81 15.40 25.29 -18.17
CA ALA C 81 15.06 25.72 -16.83
C ALA C 81 15.71 24.87 -15.73
N ASP C 82 16.14 25.52 -14.65
CA ASP C 82 16.52 24.83 -13.42
C ASP C 82 15.21 24.58 -12.65
N LEU C 83 15.02 23.36 -12.16
CA LEU C 83 13.78 23.03 -11.48
C LEU C 83 13.99 22.88 -9.97
N THR C 84 15.19 23.25 -9.50
CA THR C 84 15.46 23.30 -8.09
C THR C 84 14.37 24.18 -7.43
N ASN C 85 13.98 23.85 -6.21
CA ASN C 85 13.05 24.71 -5.50
C ASN C 85 13.67 26.10 -5.16
N SER C 86 12.91 27.19 -5.36
CA SER C 86 13.34 28.59 -5.07
C SER C 86 12.12 29.49 -5.15
N ASN C 87 12.28 30.76 -4.79
CA ASN C 87 11.23 31.77 -5.02
C ASN C 87 10.85 31.99 -6.50
N VAL C 88 11.74 31.70 -7.44
CA VAL C 88 11.40 31.85 -8.89
C VAL C 88 10.90 30.56 -9.57
N LEU C 89 10.77 29.46 -8.81
CA LEU C 89 10.39 28.19 -9.42
C LEU C 89 8.99 28.30 -10.03
N PRO C 90 7.99 28.89 -9.33
CA PRO C 90 6.69 29.03 -9.99
C PRO C 90 6.68 29.69 -11.36
N ALA C 91 7.40 30.78 -11.50
CA ALA C 91 7.53 31.46 -12.79
C ALA C 91 8.28 30.62 -13.82
N SER C 92 9.35 29.92 -13.42
CA SER C 92 9.97 28.97 -14.36
C SER C 92 8.97 27.93 -14.89
N CYS C 93 8.21 27.33 -14.01
CA CYS C 93 7.28 26.29 -14.41
C CYS C 93 6.22 26.88 -15.29
N GLU C 94 5.74 28.06 -14.91
CA GLU C 94 4.77 28.73 -15.78
C GLU C 94 5.34 28.98 -17.19
N GLU C 95 6.61 29.33 -17.29
CA GLU C 95 7.23 29.62 -18.59
C GLU C 95 7.47 28.35 -19.42
N ILE C 96 7.70 27.23 -18.76
CA ILE C 96 7.78 25.97 -19.45
C ILE C 96 6.46 25.66 -20.11
N ILE C 97 5.39 25.75 -19.35
CA ILE C 97 4.09 25.49 -19.95
C ILE C 97 3.83 26.51 -21.08
N ASN C 98 4.19 27.77 -20.83
CA ASN C 98 4.06 28.79 -21.87
C ASN C 98 4.80 28.55 -23.15
N SER C 99 6.01 27.99 -23.07
CA SER C 99 6.75 27.59 -24.28
C SER C 99 5.92 26.79 -25.21
N CYS C 100 5.11 25.89 -24.64
CA CYS C 100 4.31 24.97 -25.44
C CYS C 100 3.14 25.71 -26.11
N PHE C 101 2.47 26.55 -25.36
CA PHE C 101 1.43 27.43 -25.95
C PHE C 101 1.94 28.41 -27.04
N ARG C 102 3.08 29.03 -26.79
CA ARG C 102 3.66 29.93 -27.74
C ARG C 102 4.10 29.28 -29.06
N ALA C 103 4.71 28.11 -28.95
CA ALA C 103 5.16 27.35 -30.11
C ALA C 103 4.02 26.74 -30.86
N PHE C 104 3.13 26.08 -30.13
CA PHE C 104 2.22 25.13 -30.73
C PHE C 104 0.75 25.50 -30.53
N GLY C 105 0.46 26.49 -29.72
CA GLY C 105 -0.95 26.94 -29.57
C GLY C 105 -1.80 26.06 -28.65
N ARG C 106 -1.19 25.05 -28.04
CA ARG C 106 -1.97 24.16 -27.15
C ARG C 106 -0.98 23.35 -26.31
N CYS C 107 -1.49 22.72 -25.26
CA CYS C 107 -0.65 21.83 -24.43
C CYS C 107 -1.53 20.71 -23.91
N ASP C 108 -1.34 19.50 -24.41
CA ASP C 108 -2.29 18.41 -24.14
C ASP C 108 -1.76 17.41 -23.09
N VAL C 109 -0.42 17.24 -23.05
CA VAL C 109 0.26 16.27 -22.25
C VAL C 109 1.44 16.95 -21.50
N LEU C 110 1.58 16.67 -20.20
CA LEU C 110 2.79 17.01 -19.46
C LEU C 110 3.46 15.78 -18.89
N VAL C 111 4.75 15.58 -19.12
CA VAL C 111 5.47 14.45 -18.52
C VAL C 111 6.54 15.01 -17.57
N ASN C 112 6.35 14.75 -16.28
CA ASN C 112 7.28 15.18 -15.25
C ASN C 112 8.29 14.07 -15.03
N ASN C 113 9.42 14.23 -15.68
CA ASN C 113 10.48 13.18 -15.78
C ASN C 113 11.76 13.67 -15.15
N ALA C 114 12.04 14.98 -15.22
CA ALA C 114 13.22 15.57 -14.58
C ALA C 114 13.34 15.25 -13.10
N SER C 115 14.56 14.99 -12.68
CA SER C 115 14.79 14.43 -11.38
C SER C 115 16.26 14.46 -10.97
N ALA C 116 16.53 15.14 -9.86
CA ALA C 116 17.84 15.02 -9.21
C ALA C 116 17.87 13.72 -8.41
N PHE C 117 19.02 13.07 -8.34
CA PHE C 117 19.15 11.83 -7.62
C PHE C 117 20.61 11.68 -7.13
N TYR C 118 20.81 11.66 -5.81
CA TYR C 118 22.11 11.44 -5.17
C TYR C 118 21.91 11.23 -3.67
N PRO C 119 22.86 10.57 -2.99
CA PRO C 119 22.67 10.33 -1.59
C PRO C 119 22.66 11.60 -0.73
N THR C 120 21.88 11.57 0.35
CA THR C 120 21.85 12.61 1.37
C THR C 120 21.81 11.96 2.77
N PRO C 121 22.96 11.45 3.23
CA PRO C 121 23.05 10.67 4.49
C PRO C 121 22.55 11.51 5.63
N LEU C 122 21.82 10.88 6.54
CA LEU C 122 21.31 11.57 7.71
C LEU C 122 22.42 11.89 8.73
N VAL C 123 23.45 11.06 8.78
CA VAL C 123 24.54 11.26 9.72
C VAL C 123 25.83 11.49 8.97
N GLY C 133 30.94 20.28 0.07
CA GLY C 133 29.95 19.97 -0.97
C GLY C 133 28.72 20.85 -0.86
N LYS C 134 27.57 20.34 -1.31
CA LYS C 134 26.34 21.11 -1.27
C LYS C 134 25.87 21.22 0.17
N THR C 135 25.32 22.37 0.54
CA THR C 135 24.64 22.52 1.80
C THR C 135 23.36 21.68 1.83
N VAL C 136 22.89 21.37 3.03
CA VAL C 136 21.74 20.49 3.12
C VAL C 136 20.53 21.21 2.57
N GLU C 137 20.45 22.53 2.71
CA GLU C 137 19.32 23.27 2.16
C GLU C 137 19.29 23.23 0.61
N THR C 138 20.46 23.16 0.03
CA THR C 138 20.58 23.00 -1.41
C THR C 138 20.10 21.61 -1.85
N GLN C 139 20.52 20.61 -1.11
CA GLN C 139 20.07 19.25 -1.34
C GLN C 139 18.55 19.13 -1.22
N VAL C 140 17.95 19.78 -0.20
CA VAL C 140 16.51 19.82 -0.08
C VAL C 140 15.88 20.47 -1.35
N ALA C 141 16.42 21.62 -1.74
CA ALA C 141 15.86 22.37 -2.88
C ALA C 141 15.91 21.56 -4.18
N GLU C 142 17.04 20.93 -4.41
CA GLU C 142 17.21 20.18 -5.63
C GLU C 142 16.32 18.94 -5.66
N LEU C 143 16.42 18.12 -4.60
CA LEU C 143 15.76 16.80 -4.57
C LEU C 143 14.25 16.90 -4.47
N ILE C 144 13.78 17.71 -3.56
CA ILE C 144 12.35 17.92 -3.39
C ILE C 144 11.82 18.80 -4.50
N GLY C 145 12.58 19.78 -4.93
CA GLY C 145 12.12 20.60 -6.07
C GLY C 145 11.90 19.85 -7.37
N THR C 146 12.90 19.09 -7.81
CA THR C 146 12.81 18.40 -9.11
C THR C 146 11.77 17.31 -9.10
N ASN C 147 11.74 16.57 -8.00
CA ASN C 147 10.90 15.37 -7.90
C ASN C 147 9.46 15.63 -7.47
N ALA C 148 9.18 16.79 -6.89
CA ALA C 148 7.84 17.05 -6.32
C ALA C 148 7.33 18.44 -6.50
N ILE C 149 8.10 19.44 -6.08
CA ILE C 149 7.51 20.80 -6.14
C ILE C 149 7.38 21.33 -7.56
N ALA C 150 8.38 21.07 -8.40
CA ALA C 150 8.24 21.44 -9.84
C ALA C 150 7.13 20.65 -10.51
N PRO C 151 7.05 19.35 -10.23
CA PRO C 151 5.86 18.68 -10.72
C PRO C 151 4.52 19.30 -10.35
N PHE C 152 4.39 19.70 -9.08
CA PHE C 152 3.19 20.37 -8.59
C PHE C 152 2.93 21.72 -9.34
N LEU C 153 3.97 22.53 -9.51
CA LEU C 153 3.80 23.86 -10.12
C LEU C 153 3.48 23.75 -11.60
N LEU C 154 4.18 22.85 -12.26
CA LEU C 154 3.92 22.52 -13.68
C LEU C 154 2.50 22.03 -13.86
N THR C 155 2.00 21.24 -12.90
CA THR C 155 0.63 20.73 -12.90
C THR C 155 -0.39 21.90 -12.78
N MET C 156 -0.19 22.77 -11.79
CA MET C 156 -0.97 24.01 -11.63
CA MET C 156 -1.01 23.96 -11.64
C MET C 156 -1.00 24.81 -12.93
N SER C 157 0.16 25.03 -13.53
CA SER C 157 0.25 25.90 -14.75
C SER C 157 -0.47 25.26 -15.94
N PHE C 158 -0.33 23.95 -16.03
CA PHE C 158 -0.95 23.17 -17.08
C PHE C 158 -2.45 23.17 -16.94
N ALA C 159 -2.96 22.88 -15.74
CA ALA C 159 -4.40 22.92 -15.48
C ALA C 159 -4.94 24.31 -15.71
N GLN C 160 -4.26 25.32 -15.20
CA GLN C 160 -4.72 26.69 -15.29
C GLN C 160 -4.88 27.16 -16.74
N ARG C 161 -3.99 26.75 -17.63
CA ARG C 161 -4.04 27.16 -19.03
C ARG C 161 -5.13 26.54 -19.88
N GLN C 162 -5.80 25.50 -19.41
CA GLN C 162 -6.75 24.79 -20.27
C GLN C 162 -8.04 25.58 -20.35
N SER C 172 -10.88 16.36 -26.80
CA SER C 172 -9.51 16.38 -26.28
C SER C 172 -9.18 15.23 -25.32
N ASN C 173 -7.88 14.98 -25.19
CA ASN C 173 -7.37 13.94 -24.33
C ASN C 173 -6.19 14.50 -23.51
N LEU C 174 -6.54 15.20 -22.46
CA LEU C 174 -5.54 15.87 -21.63
C LEU C 174 -5.01 14.92 -20.57
N SER C 175 -3.70 14.82 -20.39
CA SER C 175 -3.19 14.05 -19.26
C SER C 175 -1.80 14.43 -18.84
N ILE C 176 -1.50 14.00 -17.62
CA ILE C 176 -0.20 14.20 -17.00
C ILE C 176 0.35 12.86 -16.63
N VAL C 177 1.65 12.67 -16.84
CA VAL C 177 2.34 11.43 -16.44
C VAL C 177 3.58 11.78 -15.65
N ASN C 178 3.58 11.33 -14.41
CA ASN C 178 4.65 11.51 -13.49
C ASN C 178 5.57 10.31 -13.41
N LEU C 179 6.88 10.54 -13.57
CA LEU C 179 7.86 9.46 -13.43
C LEU C 179 8.18 9.24 -11.97
N CYS C 180 7.71 8.09 -11.50
CA CYS C 180 7.79 7.75 -10.07
C CYS C 180 8.92 6.71 -9.94
N ASP C 181 8.84 5.81 -8.95
CA ASP C 181 9.92 4.89 -8.63
C ASP C 181 9.32 3.67 -7.96
N ALA C 182 9.59 2.53 -8.57
CA ALA C 182 8.96 1.29 -8.13
C ALA C 182 9.49 0.90 -6.76
N MET C 183 10.71 1.35 -6.41
CA MET C 183 11.37 0.98 -5.14
C MET C 183 11.10 1.98 -4.02
N VAL C 184 10.04 2.75 -4.17
CA VAL C 184 9.71 3.78 -3.25
C VAL C 184 9.49 3.30 -1.82
N ASP C 185 9.03 2.07 -1.62
CA ASP C 185 8.85 1.54 -0.29
C ASP C 185 9.95 0.60 0.21
N GLN C 186 10.99 0.44 -0.57
CA GLN C 186 12.20 -0.25 -0.14
C GLN C 186 13.37 0.59 -0.60
N PRO C 187 13.53 1.73 0.04
CA PRO C 187 14.39 2.78 -0.50
C PRO C 187 15.89 2.48 -0.43
N CYS C 188 16.68 3.00 -1.38
CA CYS C 188 18.14 2.95 -1.22
C CYS C 188 18.62 3.64 0.09
N MET C 189 19.58 3.00 0.75
CA MET C 189 20.17 3.50 1.94
C MET C 189 20.78 4.88 1.68
N ALA C 190 20.50 5.82 2.57
CA ALA C 190 21.10 7.17 2.55
C ALA C 190 20.47 8.06 1.48
N PHE C 191 19.30 7.68 0.96
CA PHE C 191 18.60 8.46 -0.08
C PHE C 191 17.28 9.07 0.42
N SER C 192 17.29 9.58 1.64
CA SER C 192 16.03 9.97 2.26
CA SER C 192 16.05 10.03 2.29
C SER C 192 15.33 11.11 1.50
N LEU C 193 16.04 12.19 1.13
CA LEU C 193 15.37 13.26 0.40
C LEU C 193 14.85 12.86 -0.97
N TYR C 194 15.60 12.05 -1.73
CA TYR C 194 15.11 11.60 -3.04
C TYR C 194 13.83 10.83 -2.79
N ASN C 195 13.86 9.95 -1.79
CA ASN C 195 12.70 9.07 -1.53
C ASN C 195 11.52 9.89 -1.06
N MET C 196 11.79 10.88 -0.22
CA MET C 196 10.72 11.80 0.22
C MET C 196 10.10 12.47 -0.99
N GLY C 197 10.93 12.92 -1.93
CA GLY C 197 10.42 13.59 -3.11
C GLY C 197 9.56 12.69 -3.98
N LYS C 198 9.98 11.45 -4.17
CA LYS C 198 9.20 10.48 -4.94
C LYS C 198 7.88 10.09 -4.23
N HIS C 199 7.93 10.02 -2.90
CA HIS C 199 6.70 9.78 -2.16
C HIS C 199 5.74 10.92 -2.35
N ALA C 200 6.26 12.14 -2.22
CA ALA C 200 5.43 13.31 -2.46
C ALA C 200 4.88 13.31 -3.87
N LEU C 201 5.65 12.87 -4.84
CA LEU C 201 5.11 12.74 -6.20
C LEU C 201 3.91 11.75 -6.36
N VAL C 202 3.93 10.65 -5.60
CA VAL C 202 2.78 9.74 -5.54
C VAL C 202 1.57 10.52 -5.00
N GLY C 203 1.80 11.25 -3.91
CA GLY C 203 0.84 12.12 -3.31
C GLY C 203 0.22 13.05 -4.35
N LEU C 204 1.05 13.73 -5.12
CA LEU C 204 0.55 14.65 -6.16
C LEU C 204 -0.27 13.95 -7.22
N THR C 205 0.17 12.78 -7.61
CA THR C 205 -0.46 12.05 -8.67
C THR C 205 -1.89 11.79 -8.26
N GLN C 206 -2.03 11.36 -7.01
CA GLN C 206 -3.29 11.00 -6.47
C GLN C 206 -4.17 12.21 -6.27
N SER C 207 -3.68 13.24 -5.57
CA SER C 207 -4.46 14.44 -5.30
C SER C 207 -4.88 15.15 -6.58
N ALA C 208 -3.94 15.30 -7.51
CA ALA C 208 -4.26 15.94 -8.80
C ALA C 208 -5.22 15.10 -9.67
N ALA C 209 -5.10 13.76 -9.61
CA ALA C 209 -6.08 12.93 -10.30
C ALA C 209 -7.48 13.27 -9.83
N LEU C 210 -7.66 13.31 -8.51
CA LEU C 210 -8.97 13.65 -7.94
CA LEU C 210 -8.97 13.66 -7.95
C LEU C 210 -9.42 15.05 -8.34
N GLU C 211 -8.51 16.02 -8.24
CA GLU C 211 -8.89 17.45 -8.34
C GLU C 211 -9.10 17.87 -9.76
N LEU C 212 -8.30 17.34 -10.66
CA LEU C 212 -8.43 17.67 -12.08
C LEU C 212 -9.37 16.76 -12.89
N ALA C 213 -9.94 15.72 -12.29
CA ALA C 213 -10.88 14.86 -13.02
C ALA C 213 -12.08 15.64 -13.58
N PRO C 214 -12.60 16.64 -12.86
CA PRO C 214 -13.73 17.40 -13.39
C PRO C 214 -13.43 18.16 -14.68
N TYR C 215 -12.15 18.46 -14.92
CA TYR C 215 -11.74 19.09 -16.15
C TYR C 215 -11.31 18.13 -17.22
N GLY C 216 -11.51 16.84 -17.04
CA GLY C 216 -11.09 15.88 -18.06
C GLY C 216 -9.59 15.65 -18.10
N ILE C 217 -8.86 16.15 -17.12
CA ILE C 217 -7.42 15.89 -17.04
C ILE C 217 -7.11 14.66 -16.19
N ARG C 218 -6.52 13.65 -16.85
CA ARG C 218 -6.09 12.47 -16.15
C ARG C 218 -4.69 12.69 -15.63
N VAL C 219 -4.40 12.05 -14.49
CA VAL C 219 -3.10 12.15 -13.87
C VAL C 219 -2.64 10.78 -13.43
N ASN C 220 -1.55 10.29 -14.04
CA ASN C 220 -1.09 8.95 -13.77
C ASN C 220 0.39 8.92 -13.60
N GLY C 221 0.95 7.76 -13.29
CA GLY C 221 2.39 7.64 -13.05
C GLY C 221 2.98 6.38 -13.68
N VAL C 222 4.27 6.43 -13.97
CA VAL C 222 5.02 5.30 -14.44
C VAL C 222 6.21 5.16 -13.48
N ALA C 223 6.38 3.98 -12.90
CA ALA C 223 7.38 3.74 -11.89
C ALA C 223 8.42 2.69 -12.37
N PRO C 224 9.54 3.13 -12.90
CA PRO C 224 10.60 2.24 -13.27
C PRO C 224 11.27 1.59 -12.06
N GLY C 225 11.99 0.50 -12.30
CA GLY C 225 12.81 -0.17 -11.29
C GLY C 225 14.23 0.20 -11.51
N VAL C 226 14.89 -0.52 -12.41
CA VAL C 226 16.17 -0.10 -12.87
C VAL C 226 16.14 0.00 -14.39
N SER C 227 16.68 1.11 -14.91
CA SER C 227 16.73 1.38 -16.34
C SER C 227 17.98 2.21 -16.70
N LEU C 228 18.65 1.84 -17.80
CA LEU C 228 19.86 2.51 -18.29
C LEU C 228 20.88 2.74 -17.24
N LEU C 229 21.60 1.71 -16.84
CA LEU C 229 22.55 1.90 -15.75
C LEU C 229 23.62 2.97 -16.13
N PRO C 230 24.07 3.78 -15.16
CA PRO C 230 25.08 4.77 -15.53
C PRO C 230 26.41 4.16 -16.01
N VAL C 231 27.29 4.99 -16.59
CA VAL C 231 28.58 4.52 -17.10
C VAL C 231 29.61 4.53 -15.97
N ALA C 232 29.54 5.54 -15.10
CA ALA C 232 30.31 5.56 -13.85
C ALA C 232 30.18 4.26 -13.05
N MET C 233 29.22 3.42 -13.44
CA MET C 233 29.00 2.15 -12.76
C MET C 233 29.95 1.05 -13.26
N GLY C 234 30.57 0.37 -12.30
CA GLY C 234 31.43 -0.77 -12.59
C GLY C 234 30.69 -2.01 -13.03
N GLU C 235 31.43 -2.91 -13.66
CA GLU C 235 30.86 -4.17 -14.17
C GLU C 235 30.30 -5.07 -13.06
N GLU C 236 31.01 -5.18 -11.93
CA GLU C 236 30.49 -5.97 -10.81
C GLU C 236 29.18 -5.32 -10.28
N GLU C 237 29.20 -4.00 -10.14
CA GLU C 237 28.05 -3.22 -9.70
C GLU C 237 26.80 -3.35 -10.63
N LYS C 238 26.96 -3.15 -11.94
CA LYS C 238 25.84 -3.30 -12.86
C LYS C 238 25.29 -4.74 -12.83
N ASP C 239 26.21 -5.71 -12.81
CA ASP C 239 25.84 -7.11 -12.74
C ASP C 239 25.04 -7.36 -11.47
N LYS C 240 25.44 -6.69 -10.37
CA LYS C 240 24.74 -6.86 -9.10
C LYS C 240 23.27 -6.48 -9.25
N TRP C 241 23.01 -5.34 -9.87
CA TRP C 241 21.63 -4.86 -10.09
C TRP C 241 20.88 -5.76 -11.07
N ARG C 242 21.52 -6.11 -12.18
CA ARG C 242 20.83 -6.90 -13.17
C ARG C 242 20.39 -8.21 -12.59
N ARG C 243 21.24 -8.83 -11.78
CA ARG C 243 20.95 -10.14 -11.23
C ARG C 243 19.75 -10.18 -10.26
N LYS C 244 19.37 -9.03 -9.70
CA LYS C 244 18.22 -8.95 -8.81
C LYS C 244 16.88 -8.90 -9.59
N VAL C 245 16.90 -8.56 -10.89
CA VAL C 245 15.67 -8.40 -11.67
C VAL C 245 15.06 -9.73 -12.12
N PRO C 246 13.86 -10.04 -11.61
CA PRO C 246 13.36 -11.39 -11.97
C PRO C 246 13.16 -11.59 -13.49
N LEU C 247 12.58 -10.60 -14.19
CA LEU C 247 12.25 -10.78 -15.58
C LEU C 247 13.45 -10.46 -16.48
N GLY C 248 14.24 -11.50 -16.74
CA GLY C 248 15.35 -11.41 -17.70
C GLY C 248 16.70 -11.00 -17.16
N ARG C 249 16.80 -10.76 -15.86
CA ARG C 249 18.06 -10.40 -15.27
C ARG C 249 18.71 -9.18 -15.97
N ARG C 250 17.90 -8.17 -16.26
CA ARG C 250 18.37 -7.02 -17.01
C ARG C 250 17.52 -5.79 -16.65
N GLU C 251 18.12 -4.63 -16.80
CA GLU C 251 17.47 -3.36 -16.72
C GLU C 251 16.48 -3.14 -17.87
N ALA C 252 15.53 -2.24 -17.68
CA ALA C 252 14.63 -1.81 -18.73
C ALA C 252 15.37 -0.92 -19.73
N SER C 253 14.98 -0.99 -21.00
CA SER C 253 15.41 -0.01 -21.99
C SER C 253 14.59 1.26 -21.73
N ALA C 254 15.13 2.40 -22.11
CA ALA C 254 14.40 3.63 -22.02
C ALA C 254 13.10 3.54 -22.78
N GLU C 255 13.13 2.91 -23.95
CA GLU C 255 11.94 2.65 -24.74
C GLU C 255 10.85 1.86 -24.00
N GLN C 256 11.19 0.82 -23.23
CA GLN C 256 10.17 0.12 -22.46
C GLN C 256 9.43 1.04 -21.45
N ILE C 257 10.15 1.98 -20.84
CA ILE C 257 9.55 2.94 -19.93
C ILE C 257 8.65 3.85 -20.74
N ALA C 258 9.15 4.31 -21.88
CA ALA C 258 8.34 5.17 -22.71
C ALA C 258 7.07 4.50 -23.22
N ASP C 259 7.12 3.20 -23.49
CA ASP C 259 5.90 2.47 -23.95
C ASP C 259 4.71 2.67 -22.98
N ALA C 260 5.01 2.73 -21.69
CA ALA C 260 4.00 2.82 -20.67
C ALA C 260 3.40 4.22 -20.57
N VAL C 261 4.27 5.21 -20.80
CA VAL C 261 3.86 6.61 -20.90
C VAL C 261 2.87 6.77 -22.07
N ILE C 262 3.27 6.30 -23.26
CA ILE C 262 2.39 6.31 -24.46
C ILE C 262 1.02 5.70 -24.24
N PHE C 263 1.02 4.57 -23.52
CA PHE C 263 -0.23 3.91 -23.20
C PHE C 263 -1.10 4.84 -22.34
N LEU C 264 -0.52 5.39 -21.29
CA LEU C 264 -1.28 6.20 -20.36
C LEU C 264 -1.85 7.47 -21.02
N VAL C 265 -1.13 8.06 -21.97
CA VAL C 265 -1.64 9.25 -22.66
C VAL C 265 -2.60 8.89 -23.78
N SER C 266 -2.63 7.62 -24.19
CA SER C 266 -3.44 7.18 -25.32
C SER C 266 -4.93 7.11 -24.99
N GLY C 267 -5.72 7.01 -26.06
CA GLY C 267 -7.18 6.80 -25.95
C GLY C 267 -7.56 5.46 -25.31
N SER C 268 -6.64 4.52 -25.27
CA SER C 268 -6.85 3.25 -24.58
C SER C 268 -6.73 3.30 -23.05
N ALA C 269 -6.40 4.48 -22.51
CA ALA C 269 -6.31 4.72 -21.08
C ALA C 269 -7.31 5.80 -20.65
N GLN C 270 -8.39 5.98 -21.41
CA GLN C 270 -9.37 7.08 -21.15
C GLN C 270 -10.05 7.09 -19.79
N TYR C 271 -10.09 5.92 -19.15
CA TYR C 271 -10.75 5.75 -17.88
C TYR C 271 -9.73 5.66 -16.75
N ILE C 272 -8.46 5.71 -17.06
CA ILE C 272 -7.43 5.54 -16.06
C ILE C 272 -6.99 6.88 -15.53
N THR C 273 -7.26 7.11 -14.24
CA THR C 273 -6.62 8.23 -13.57
C THR C 273 -6.20 7.80 -12.17
N GLY C 274 -5.10 8.41 -11.69
CA GLY C 274 -4.54 8.15 -10.37
C GLY C 274 -3.85 6.79 -10.28
N SER C 275 -3.50 6.20 -11.43
CA SER C 275 -2.85 4.92 -11.45
C SER C 275 -1.37 5.08 -11.67
N ILE C 276 -0.56 4.27 -10.99
CA ILE C 276 0.89 4.25 -11.17
C ILE C 276 1.34 2.84 -11.63
N ILE C 277 1.86 2.75 -12.86
CA ILE C 277 2.19 1.48 -13.45
C ILE C 277 3.64 1.23 -13.18
N LYS C 278 3.97 0.19 -12.42
CA LYS C 278 5.40 -0.23 -12.35
C LYS C 278 5.80 -0.84 -13.67
N VAL C 279 7.02 -0.50 -14.10
CA VAL C 279 7.65 -1.09 -15.24
C VAL C 279 9.04 -1.50 -14.74
N ASP C 280 9.08 -2.59 -14.01
CA ASP C 280 10.22 -2.95 -13.17
C ASP C 280 10.74 -4.39 -13.25
N GLY C 281 10.18 -5.18 -14.17
CA GLY C 281 10.58 -6.58 -14.35
C GLY C 281 10.48 -7.39 -13.07
N GLY C 282 9.62 -6.92 -12.16
CA GLY C 282 9.38 -7.59 -10.89
C GLY C 282 10.38 -7.30 -9.76
N LEU C 283 11.26 -6.32 -9.98
CA LEU C 283 12.25 -5.97 -8.97
C LEU C 283 11.68 -5.59 -7.59
N SER C 284 10.55 -4.90 -7.58
CA SER C 284 9.97 -4.49 -6.34
C SER C 284 9.45 -5.67 -5.53
N LEU C 285 9.25 -6.84 -6.13
CA LEU C 285 8.66 -7.94 -5.40
C LEU C 285 9.70 -8.78 -4.66
N VAL C 286 11.00 -8.50 -4.87
CA VAL C 286 12.10 -9.40 -4.45
C VAL C 286 12.51 -9.09 -3.02
N HIS C 287 12.33 -10.02 -2.09
CA HIS C 287 12.71 -9.76 -0.71
C HIS C 287 14.22 -9.59 -0.63
N ALA C 288 14.69 -9.03 0.48
CA ALA C 288 16.12 -8.95 0.70
C ALA C 288 16.81 -10.33 0.83
N GLU D 22 1.92 -18.46 -37.06
CA GLU D 22 0.55 -18.82 -36.56
C GLU D 22 0.08 -17.83 -35.47
N ALA D 23 -1.24 -17.72 -35.30
CA ALA D 23 -1.81 -16.83 -34.32
C ALA D 23 -1.75 -17.38 -32.88
N PRO D 24 -1.53 -16.48 -31.90
CA PRO D 24 -1.51 -16.86 -30.51
C PRO D 24 -2.90 -17.20 -29.99
N ALA D 25 -2.95 -17.90 -28.84
CA ALA D 25 -4.23 -18.27 -28.25
C ALA D 25 -4.32 -17.79 -26.81
N ALA D 26 -5.55 -17.45 -26.43
CA ALA D 26 -5.85 -16.95 -25.12
C ALA D 26 -7.00 -17.75 -24.54
N VAL D 27 -6.87 -18.09 -23.26
CA VAL D 27 -7.99 -18.50 -22.43
C VAL D 27 -8.53 -17.31 -21.64
N VAL D 28 -9.86 -17.09 -21.71
CA VAL D 28 -10.53 -16.11 -20.89
C VAL D 28 -11.63 -16.81 -20.08
N THR D 29 -11.61 -16.67 -18.75
CA THR D 29 -12.61 -17.36 -17.95
C THR D 29 -13.78 -16.42 -17.73
N GLY D 30 -14.98 -16.96 -17.63
CA GLY D 30 -16.19 -16.17 -17.45
C GLY D 30 -16.35 -15.23 -18.62
N ALA D 31 -16.05 -15.76 -19.82
CA ALA D 31 -16.07 -14.98 -21.08
C ALA D 31 -17.37 -14.95 -21.89
N ALA D 32 -18.44 -15.54 -21.39
CA ALA D 32 -19.68 -15.56 -22.17
C ALA D 32 -20.36 -14.19 -22.24
N LYS D 33 -20.21 -13.40 -21.17
CA LYS D 33 -20.94 -12.15 -20.96
C LYS D 33 -20.05 -11.05 -20.41
N ARG D 34 -20.55 -9.83 -20.50
CA ARG D 34 -20.00 -8.67 -19.79
C ARG D 34 -18.48 -8.51 -20.06
N ILE D 35 -17.70 -8.35 -19.00
CA ILE D 35 -16.32 -7.90 -19.15
C ILE D 35 -15.46 -8.95 -19.78
N GLY D 36 -15.65 -10.20 -19.32
CA GLY D 36 -15.00 -11.31 -19.94
C GLY D 36 -15.25 -11.40 -21.44
N ARG D 37 -16.50 -11.23 -21.87
CA ARG D 37 -16.81 -11.26 -23.32
C ARG D 37 -16.09 -10.14 -24.06
N ALA D 38 -16.21 -8.91 -23.52
CA ALA D 38 -15.50 -7.75 -24.08
C ALA D 38 -14.00 -8.06 -24.21
N ILE D 39 -13.41 -8.75 -23.20
CA ILE D 39 -11.97 -9.06 -23.30
C ILE D 39 -11.65 -10.09 -24.42
N ALA D 40 -12.48 -11.11 -24.49
CA ALA D 40 -12.39 -12.10 -25.53
C ALA D 40 -12.51 -11.47 -26.93
N VAL D 41 -13.53 -10.62 -27.08
CA VAL D 41 -13.82 -9.94 -28.36
C VAL D 41 -12.61 -9.13 -28.76
N LYS D 42 -12.08 -8.35 -27.81
CA LYS D 42 -10.85 -7.56 -28.10
C LYS D 42 -9.61 -8.37 -28.41
N LEU D 43 -9.36 -9.41 -27.64
CA LEU D 43 -8.22 -10.29 -27.92
C LEU D 43 -8.30 -10.90 -29.35
N HIS D 44 -9.50 -11.31 -29.68
CA HIS D 44 -9.79 -11.89 -30.98
C HIS D 44 -9.56 -10.84 -32.08
N GLN D 45 -10.09 -9.63 -31.91
CA GLN D 45 -9.84 -8.55 -32.86
C GLN D 45 -8.38 -8.22 -33.03
N THR D 46 -7.59 -8.49 -32.00
CA THR D 46 -6.14 -8.29 -32.02
C THR D 46 -5.39 -9.41 -32.74
N GLY D 47 -6.08 -10.49 -33.10
CA GLY D 47 -5.41 -11.59 -33.78
C GLY D 47 -5.36 -12.91 -33.03
N TYR D 48 -5.87 -12.93 -31.79
CA TYR D 48 -5.86 -14.13 -30.97
C TYR D 48 -7.00 -15.10 -31.31
N ARG D 49 -6.64 -16.39 -31.25
CA ARG D 49 -7.66 -17.43 -31.09
C ARG D 49 -7.97 -17.54 -29.62
N VAL D 50 -9.23 -17.83 -29.30
CA VAL D 50 -9.71 -17.74 -27.92
C VAL D 50 -10.51 -18.97 -27.43
N VAL D 51 -10.18 -19.44 -26.23
CA VAL D 51 -11.07 -20.30 -25.46
C VAL D 51 -12.00 -19.42 -24.61
N ILE D 52 -13.29 -19.51 -24.91
CA ILE D 52 -14.35 -18.83 -24.17
C ILE D 52 -14.81 -19.76 -23.07
N HIS D 53 -14.28 -19.62 -21.84
CA HIS D 53 -14.75 -20.46 -20.76
C HIS D 53 -16.05 -19.86 -20.18
N TYR D 54 -16.95 -20.71 -19.75
CA TYR D 54 -18.19 -20.29 -19.16
C TYR D 54 -18.56 -21.35 -18.13
N HIS D 55 -19.54 -21.00 -17.31
CA HIS D 55 -20.06 -21.91 -16.28
C HIS D 55 -21.53 -22.18 -16.62
N ASN D 56 -22.41 -21.22 -16.39
CA ASN D 56 -23.85 -21.37 -16.71
C ASN D 56 -24.34 -20.72 -18.00
N SER D 57 -23.56 -19.79 -18.56
CA SER D 57 -24.06 -18.98 -19.68
C SER D 57 -23.73 -19.65 -21.01
N ALA D 58 -24.29 -20.84 -21.19
CA ALA D 58 -23.88 -21.72 -22.29
C ALA D 58 -24.27 -21.10 -23.63
N GLU D 59 -25.48 -20.56 -23.66
CA GLU D 59 -26.04 -20.02 -24.86
C GLU D 59 -25.19 -18.86 -25.37
N ALA D 60 -24.91 -17.92 -24.47
CA ALA D 60 -24.15 -16.72 -24.81
C ALA D 60 -22.77 -17.14 -25.25
N ALA D 61 -22.18 -18.08 -24.56
CA ALA D 61 -20.88 -18.54 -24.97
C ALA D 61 -20.83 -19.11 -26.38
N VAL D 62 -21.78 -19.99 -26.70
CA VAL D 62 -21.80 -20.64 -28.04
C VAL D 62 -22.05 -19.52 -29.06
N SER D 63 -22.98 -18.64 -28.75
CA SER D 63 -23.32 -17.54 -29.65
C SER D 63 -22.07 -16.69 -29.94
N LEU D 64 -21.26 -16.45 -28.91
CA LEU D 64 -20.07 -15.65 -29.09
C LEU D 64 -19.03 -16.39 -29.95
N ALA D 65 -18.79 -17.67 -29.65
CA ALA D 65 -17.92 -18.50 -30.47
C ALA D 65 -18.36 -18.54 -31.95
N ASP D 66 -19.66 -18.68 -32.19
CA ASP D 66 -20.21 -18.65 -33.55
C ASP D 66 -19.83 -17.37 -34.23
N GLU D 67 -19.99 -16.26 -33.52
CA GLU D 67 -19.76 -14.93 -34.07
C GLU D 67 -18.32 -14.71 -34.36
N LEU D 68 -17.46 -15.13 -33.46
CA LEU D 68 -16.05 -15.01 -33.72
C LEU D 68 -15.55 -15.92 -34.83
N ASN D 69 -16.07 -17.12 -34.92
CA ASN D 69 -15.62 -18.04 -35.99
C ASN D 69 -16.16 -17.64 -37.37
N LYS D 70 -17.30 -16.96 -37.39
CA LYS D 70 -17.83 -16.35 -38.62
C LYS D 70 -16.92 -15.29 -39.13
N GLU D 71 -16.25 -14.60 -38.21
CA GLU D 71 -15.29 -13.56 -38.54
C GLU D 71 -13.98 -14.18 -39.02
N ARG D 72 -13.46 -15.18 -38.29
CA ARG D 72 -12.30 -15.99 -38.75
C ARG D 72 -12.49 -17.45 -38.36
N SER D 73 -12.85 -18.29 -39.32
CA SER D 73 -13.11 -19.70 -39.07
C SER D 73 -12.02 -20.38 -38.17
N ASN D 74 -12.48 -21.21 -37.25
CA ASN D 74 -11.64 -21.99 -36.37
C ASN D 74 -10.70 -21.11 -35.47
N THR D 75 -11.25 -20.04 -34.92
CA THR D 75 -10.50 -19.18 -34.02
C THR D 75 -11.12 -19.06 -32.60
N ALA D 76 -12.29 -19.65 -32.37
CA ALA D 76 -12.87 -19.67 -31.06
C ALA D 76 -13.48 -21.03 -30.74
N VAL D 77 -13.27 -21.49 -29.49
CA VAL D 77 -14.06 -22.57 -28.86
C VAL D 77 -14.63 -22.18 -27.49
N VAL D 78 -15.66 -22.90 -27.05
CA VAL D 78 -16.10 -22.82 -25.68
C VAL D 78 -15.51 -23.91 -24.82
N CYS D 79 -15.52 -23.67 -23.50
CA CYS D 79 -15.12 -24.67 -22.51
C CYS D 79 -15.86 -24.40 -21.20
N GLN D 80 -16.70 -25.36 -20.80
CA GLN D 80 -17.52 -25.26 -19.62
C GLN D 80 -16.78 -25.81 -18.42
N ALA D 81 -16.84 -25.07 -17.32
CA ALA D 81 -16.29 -25.54 -16.06
C ALA D 81 -16.80 -24.73 -14.90
N ASP D 82 -17.17 -25.45 -13.86
CA ASP D 82 -17.39 -24.91 -12.53
C ASP D 82 -16.00 -24.63 -11.88
N LEU D 83 -15.86 -23.40 -11.39
CA LEU D 83 -14.61 -22.96 -10.76
C LEU D 83 -14.73 -22.76 -9.25
N THR D 84 -15.85 -23.21 -8.68
CA THR D 84 -15.98 -23.41 -7.22
C THR D 84 -14.86 -24.33 -6.70
N ASN D 85 -14.36 -24.03 -5.51
CA ASN D 85 -13.34 -24.85 -4.91
C ASN D 85 -13.88 -26.26 -4.59
N SER D 86 -13.06 -27.25 -4.83
CA SER D 86 -13.39 -28.64 -4.49
C SER D 86 -12.13 -29.42 -4.72
N ASN D 87 -12.16 -30.71 -4.42
CA ASN D 87 -11.00 -31.55 -4.70
C ASN D 87 -10.74 -31.82 -6.18
N VAL D 88 -11.71 -31.58 -7.05
CA VAL D 88 -11.50 -31.76 -8.47
C VAL D 88 -11.17 -30.44 -9.24
N LEU D 89 -11.22 -29.31 -8.55
CA LEU D 89 -10.93 -28.04 -9.20
C LEU D 89 -9.60 -28.10 -9.90
N PRO D 90 -8.57 -28.71 -9.28
CA PRO D 90 -7.33 -28.74 -10.07
C PRO D 90 -7.46 -29.41 -11.43
N ALA D 91 -8.08 -30.60 -11.47
CA ALA D 91 -8.35 -31.29 -12.74
C ALA D 91 -9.15 -30.41 -13.67
N SER D 92 -10.16 -29.70 -13.17
CA SER D 92 -10.92 -28.84 -14.02
C SER D 92 -10.08 -27.68 -14.61
N CYS D 93 -9.18 -27.12 -13.82
CA CYS D 93 -8.33 -26.04 -14.33
C CYS D 93 -7.31 -26.60 -15.35
N GLU D 94 -6.80 -27.81 -15.08
CA GLU D 94 -5.88 -28.47 -16.02
C GLU D 94 -6.60 -28.70 -17.36
N GLU D 95 -7.89 -29.00 -17.30
CA GLU D 95 -8.66 -29.30 -18.50
C GLU D 95 -8.96 -28.06 -19.30
N ILE D 96 -9.15 -26.92 -18.63
CA ILE D 96 -9.32 -25.67 -19.32
C ILE D 96 -8.07 -25.37 -20.15
N ILE D 97 -6.90 -25.47 -19.54
CA ILE D 97 -5.63 -25.20 -20.30
C ILE D 97 -5.42 -26.25 -21.40
N ASN D 98 -5.59 -27.55 -21.07
CA ASN D 98 -5.62 -28.61 -22.11
C ASN D 98 -6.51 -28.28 -23.28
N SER D 99 -7.69 -27.75 -23.01
CA SER D 99 -8.62 -27.45 -24.07
C SER D 99 -8.11 -26.39 -25.02
N CYS D 100 -7.26 -25.48 -24.51
CA CYS D 100 -6.67 -24.49 -25.39
C CYS D 100 -5.59 -25.16 -26.26
N PHE D 101 -4.82 -26.09 -25.69
CA PHE D 101 -3.86 -26.80 -26.51
C PHE D 101 -4.57 -27.72 -27.50
N ARG D 102 -5.68 -28.29 -27.08
CA ARG D 102 -6.41 -29.25 -27.90
C ARG D 102 -6.88 -28.51 -29.14
N ALA D 103 -7.43 -27.31 -28.97
CA ALA D 103 -8.01 -26.62 -30.10
C ALA D 103 -7.01 -25.84 -30.93
N PHE D 104 -5.90 -25.36 -30.34
CA PHE D 104 -5.02 -24.42 -31.05
C PHE D 104 -3.55 -24.77 -31.02
N GLY D 105 -3.17 -25.85 -30.37
CA GLY D 105 -1.77 -26.22 -30.29
C GLY D 105 -0.86 -25.40 -29.39
N ARG D 106 -1.42 -24.40 -28.71
CA ARG D 106 -0.61 -23.54 -27.89
C ARG D 106 -1.50 -22.78 -26.95
N CYS D 107 -0.90 -22.24 -25.88
CA CYS D 107 -1.61 -21.32 -24.96
C CYS D 107 -0.72 -20.13 -24.50
N ASP D 108 -0.99 -18.95 -25.04
CA ASP D 108 -0.12 -17.77 -24.84
C ASP D 108 -0.56 -16.83 -23.72
N VAL D 109 -1.86 -16.69 -23.58
CA VAL D 109 -2.47 -15.79 -22.64
C VAL D 109 -3.54 -16.51 -21.82
N LEU D 110 -3.48 -16.29 -20.50
CA LEU D 110 -4.55 -16.66 -19.56
C LEU D 110 -5.07 -15.40 -18.93
N VAL D 111 -6.39 -15.17 -19.04
CA VAL D 111 -7.03 -14.07 -18.36
C VAL D 111 -8.03 -14.60 -17.31
N ASN D 112 -7.74 -14.37 -16.02
CA ASN D 112 -8.54 -14.84 -14.91
C ASN D 112 -9.59 -13.82 -14.57
N ASN D 113 -10.75 -13.98 -15.17
CA ASN D 113 -11.84 -13.01 -15.10
C ASN D 113 -13.07 -13.50 -14.33
N ALA D 114 -13.36 -14.80 -14.41
CA ALA D 114 -14.53 -15.41 -13.73
C ALA D 114 -14.55 -15.10 -12.24
N SER D 115 -15.71 -14.72 -11.70
CA SER D 115 -15.76 -14.33 -10.31
C SER D 115 -17.15 -14.36 -9.74
N ALA D 116 -17.29 -15.01 -8.59
CA ALA D 116 -18.52 -14.92 -7.85
C ALA D 116 -18.45 -13.69 -6.99
N PHE D 117 -19.62 -13.12 -6.73
CA PHE D 117 -19.73 -11.86 -6.00
C PHE D 117 -21.13 -11.76 -5.35
N TYR D 118 -21.17 -11.78 -4.02
CA TYR D 118 -22.42 -11.66 -3.28
C TYR D 118 -22.03 -11.47 -1.81
N PRO D 119 -22.93 -10.90 -1.01
CA PRO D 119 -22.59 -10.64 0.35
C PRO D 119 -22.52 -11.89 1.19
N THR D 120 -21.63 -11.89 2.17
CA THR D 120 -21.49 -12.99 3.15
C THR D 120 -21.33 -12.40 4.54
N PRO D 121 -22.41 -11.85 5.12
CA PRO D 121 -22.28 -11.14 6.40
C PRO D 121 -21.70 -11.99 7.54
N LEU D 122 -20.91 -11.36 8.42
CA LEU D 122 -20.33 -12.04 9.58
C LEU D 122 -21.32 -12.42 10.67
N VAL D 123 -22.41 -11.66 10.78
CA VAL D 123 -23.38 -11.80 11.87
C VAL D 123 -24.77 -12.08 11.30
N GLY D 133 -30.30 -19.06 1.32
CA GLY D 133 -30.07 -20.36 0.70
C GLY D 133 -28.74 -21.01 1.09
N LYS D 134 -27.66 -20.45 0.59
CA LYS D 134 -26.34 -21.13 0.60
C LYS D 134 -25.69 -21.37 1.95
N THR D 135 -25.13 -22.56 2.12
CA THR D 135 -24.29 -22.82 3.31
C THR D 135 -23.04 -21.94 3.32
N VAL D 136 -22.47 -21.75 4.50
CA VAL D 136 -21.17 -21.04 4.57
C VAL D 136 -20.09 -21.83 3.80
N GLU D 137 -20.01 -23.16 3.96
CA GLU D 137 -18.98 -23.91 3.23
CA GLU D 137 -19.04 -24.01 3.19
C GLU D 137 -19.09 -23.68 1.68
N THR D 138 -20.31 -23.55 1.16
CA THR D 138 -20.55 -23.25 -0.26
C THR D 138 -20.15 -21.80 -0.64
N GLN D 139 -20.55 -20.83 0.18
CA GLN D 139 -20.06 -19.45 0.04
C GLN D 139 -18.51 -19.38 -0.02
N VAL D 140 -17.83 -20.11 0.86
CA VAL D 140 -16.40 -20.16 0.89
C VAL D 140 -15.86 -20.73 -0.44
N ALA D 141 -16.40 -21.89 -0.80
CA ALA D 141 -15.93 -22.58 -1.96
C ALA D 141 -16.11 -21.72 -3.26
N GLU D 142 -17.24 -21.04 -3.39
CA GLU D 142 -17.53 -20.22 -4.57
C GLU D 142 -16.67 -18.94 -4.60
N LEU D 143 -16.63 -18.21 -3.49
CA LEU D 143 -16.01 -16.87 -3.52
C LEU D 143 -14.47 -17.03 -3.52
N ILE D 144 -13.97 -17.90 -2.68
CA ILE D 144 -12.52 -18.12 -2.63
C ILE D 144 -12.06 -18.99 -3.83
N GLY D 145 -12.89 -19.94 -4.23
CA GLY D 145 -12.53 -20.72 -5.41
C GLY D 145 -12.42 -19.88 -6.65
N THR D 146 -13.48 -19.17 -7.03
CA THR D 146 -13.52 -18.40 -8.28
C THR D 146 -12.47 -17.27 -8.27
N ASN D 147 -12.33 -16.56 -7.16
CA ASN D 147 -11.52 -15.35 -7.16
C ASN D 147 -10.06 -15.59 -6.89
N ALA D 148 -9.73 -16.72 -6.27
CA ALA D 148 -8.38 -16.98 -5.86
C ALA D 148 -7.81 -18.35 -6.23
N ILE D 149 -8.48 -19.41 -5.83
CA ILE D 149 -7.91 -20.77 -5.97
C ILE D 149 -7.91 -21.24 -7.44
N ALA D 150 -8.99 -20.99 -8.16
CA ALA D 150 -8.97 -21.31 -9.62
C ALA D 150 -7.89 -20.53 -10.37
N PRO D 151 -7.81 -19.23 -10.12
CA PRO D 151 -6.69 -18.50 -10.76
C PRO D 151 -5.32 -19.10 -10.45
N PHE D 152 -5.10 -19.59 -9.23
CA PHE D 152 -3.80 -20.20 -8.87
C PHE D 152 -3.60 -21.51 -9.64
N LEU D 153 -4.63 -22.34 -9.65
CA LEU D 153 -4.61 -23.63 -10.36
C LEU D 153 -4.49 -23.49 -11.85
N LEU D 154 -5.14 -22.49 -12.43
CA LEU D 154 -5.01 -22.23 -13.88
C LEU D 154 -3.62 -21.75 -14.23
N THR D 155 -3.09 -20.99 -13.31
CA THR D 155 -1.74 -20.47 -13.42
C THR D 155 -0.73 -21.62 -13.37
N MET D 156 -0.86 -22.53 -12.40
CA MET D 156 -0.01 -23.76 -12.37
C MET D 156 -0.10 -24.54 -13.67
N SER D 157 -1.32 -24.81 -14.13
CA SER D 157 -1.55 -25.61 -15.34
C SER D 157 -1.01 -24.88 -16.60
N PHE D 158 -1.23 -23.57 -16.64
CA PHE D 158 -0.65 -22.70 -17.67
C PHE D 158 0.85 -22.84 -17.66
N ALA D 159 1.45 -22.74 -16.51
CA ALA D 159 2.92 -22.78 -16.46
C ALA D 159 3.46 -24.16 -16.78
N GLN D 160 2.82 -25.19 -16.24
CA GLN D 160 3.30 -26.56 -16.44
CA GLN D 160 3.22 -26.60 -16.42
C GLN D 160 3.28 -26.93 -17.94
N ARG D 161 2.20 -26.64 -18.65
CA ARG D 161 2.14 -26.91 -20.09
C ARG D 161 3.13 -26.13 -20.93
N GLN D 162 3.87 -25.19 -20.35
CA GLN D 162 4.88 -24.49 -21.14
C GLN D 162 6.25 -25.09 -20.79
N SER D 172 8.01 -15.81 -28.50
CA SER D 172 6.72 -15.84 -27.81
C SER D 172 6.64 -14.90 -26.55
N ASN D 173 5.45 -14.33 -26.37
CA ASN D 173 5.15 -13.37 -25.32
C ASN D 173 4.07 -13.94 -24.39
N LEU D 174 4.50 -14.73 -23.41
CA LEU D 174 3.56 -15.41 -22.51
C LEU D 174 3.16 -14.49 -21.33
N SER D 175 1.87 -14.35 -21.04
CA SER D 175 1.45 -13.64 -19.84
C SER D 175 0.08 -13.99 -19.35
N ILE D 176 -0.16 -13.55 -18.10
CA ILE D 176 -1.37 -13.77 -17.39
C ILE D 176 -1.87 -12.42 -16.87
N VAL D 177 -3.18 -12.22 -16.98
CA VAL D 177 -3.81 -11.02 -16.42
C VAL D 177 -4.96 -11.48 -15.54
N ASN D 178 -4.89 -11.09 -14.26
CA ASN D 178 -5.91 -11.36 -13.25
C ASN D 178 -6.79 -10.18 -13.06
N LEU D 179 -8.09 -10.36 -13.06
CA LEU D 179 -8.99 -9.24 -12.88
C LEU D 179 -9.16 -9.07 -11.38
N CYS D 180 -8.64 -7.96 -10.89
CA CYS D 180 -8.54 -7.66 -9.47
C CYS D 180 -9.70 -6.71 -9.14
N ASP D 181 -9.54 -5.83 -8.16
CA ASP D 181 -10.60 -4.91 -7.75
C ASP D 181 -9.95 -3.68 -7.14
N ALA D 182 -10.25 -2.51 -7.67
CA ALA D 182 -9.59 -1.29 -7.29
C ALA D 182 -9.97 -0.89 -5.88
N MET D 183 -11.11 -1.40 -5.41
CA MET D 183 -11.66 -1.07 -4.11
C MET D 183 -11.28 -2.08 -3.01
N VAL D 184 -10.28 -2.89 -3.26
CA VAL D 184 -9.95 -4.01 -2.36
C VAL D 184 -9.56 -3.51 -0.92
N ASP D 185 -9.06 -2.29 -0.79
CA ASP D 185 -8.72 -1.80 0.52
C ASP D 185 -9.72 -0.86 1.09
N GLN D 186 -10.89 -0.73 0.44
CA GLN D 186 -12.01 0.00 1.00
C GLN D 186 -13.26 -0.86 0.75
N PRO D 187 -13.35 -1.99 1.43
CA PRO D 187 -14.33 -2.98 1.01
C PRO D 187 -15.78 -2.61 1.28
N CYS D 188 -16.66 -3.17 0.46
CA CYS D 188 -18.09 -3.09 0.69
C CYS D 188 -18.47 -3.84 1.95
N MET D 189 -19.45 -3.28 2.63
CA MET D 189 -19.93 -3.85 3.86
C MET D 189 -20.42 -5.26 3.60
N ALA D 190 -20.04 -6.20 4.43
CA ALA D 190 -20.53 -7.59 4.40
C ALA D 190 -20.07 -8.39 3.18
N PHE D 191 -18.95 -7.99 2.58
CA PHE D 191 -18.41 -8.73 1.45
C PHE D 191 -17.10 -9.40 1.82
N SER D 192 -17.00 -9.95 3.04
CA SER D 192 -15.71 -10.30 3.50
C SER D 192 -15.06 -11.43 2.66
N LEU D 193 -15.82 -12.44 2.25
CA LEU D 193 -15.25 -13.56 1.55
C LEU D 193 -14.81 -13.11 0.15
N TYR D 194 -15.65 -12.33 -0.51
CA TYR D 194 -15.32 -11.78 -1.79
C TYR D 194 -14.00 -10.99 -1.69
N ASN D 195 -13.92 -10.13 -0.66
CA ASN D 195 -12.73 -9.30 -0.42
C ASN D 195 -11.49 -10.15 -0.14
N MET D 196 -11.62 -11.18 0.67
CA MET D 196 -10.48 -12.03 0.95
C MET D 196 -9.98 -12.70 -0.34
N GLY D 197 -10.90 -13.08 -1.20
CA GLY D 197 -10.53 -13.68 -2.45
C GLY D 197 -9.80 -12.73 -3.39
N LYS D 198 -10.26 -11.47 -3.50
CA LYS D 198 -9.55 -10.48 -4.31
C LYS D 198 -8.20 -10.09 -3.74
N HIS D 199 -8.13 -10.03 -2.41
CA HIS D 199 -6.83 -9.90 -1.75
C HIS D 199 -5.95 -11.05 -2.09
N ALA D 200 -6.47 -12.25 -1.97
CA ALA D 200 -5.66 -13.42 -2.33
C ALA D 200 -5.11 -13.33 -3.77
N LEU D 201 -5.96 -12.82 -4.63
CA LEU D 201 -5.63 -12.70 -6.05
C LEU D 201 -4.48 -11.71 -6.28
N VAL D 202 -4.45 -10.63 -5.47
CA VAL D 202 -3.29 -9.71 -5.46
C VAL D 202 -2.03 -10.50 -5.12
N GLY D 203 -2.09 -11.29 -4.04
CA GLY D 203 -0.93 -12.10 -3.61
C GLY D 203 -0.47 -13.10 -4.64
N LEU D 204 -1.38 -13.80 -5.28
CA LEU D 204 -1.05 -14.64 -6.41
C LEU D 204 -0.38 -13.89 -7.56
N THR D 205 -0.94 -12.73 -7.94
CA THR D 205 -0.32 -11.93 -9.01
C THR D 205 1.15 -11.68 -8.70
N GLN D 206 1.46 -11.30 -7.46
CA GLN D 206 2.81 -10.97 -7.03
C GLN D 206 3.73 -12.20 -6.96
N SER D 207 3.26 -13.23 -6.26
CA SER D 207 4.00 -14.51 -6.12
C SER D 207 4.28 -15.14 -7.46
N ALA D 208 3.29 -15.16 -8.33
CA ALA D 208 3.47 -15.78 -9.62
C ALA D 208 4.30 -14.95 -10.56
N ALA D 209 4.14 -13.62 -10.55
CA ALA D 209 5.04 -12.79 -11.32
C ALA D 209 6.44 -13.16 -10.94
N LEU D 210 6.71 -13.21 -9.65
CA LEU D 210 8.06 -13.52 -9.17
C LEU D 210 8.56 -14.89 -9.63
N GLU D 211 7.75 -15.92 -9.47
CA GLU D 211 8.23 -17.30 -9.65
C GLU D 211 8.31 -17.70 -11.12
N LEU D 212 7.46 -17.12 -11.95
CA LEU D 212 7.36 -17.47 -13.35
C LEU D 212 8.23 -16.57 -14.27
N ALA D 213 8.78 -15.48 -13.74
CA ALA D 213 9.64 -14.60 -14.55
C ALA D 213 10.81 -15.35 -15.25
N PRO D 214 11.50 -16.28 -14.55
CA PRO D 214 12.57 -17.08 -15.16
C PRO D 214 12.11 -17.90 -16.35
N TYR D 215 10.81 -18.15 -16.48
CA TYR D 215 10.24 -18.80 -17.63
C TYR D 215 9.65 -17.80 -18.63
N GLY D 216 9.87 -16.49 -18.46
CA GLY D 216 9.35 -15.54 -19.43
C GLY D 216 7.84 -15.33 -19.40
N ILE D 217 7.18 -15.80 -18.34
CA ILE D 217 5.73 -15.58 -18.19
C ILE D 217 5.55 -14.41 -17.25
N ARG D 218 4.94 -13.37 -17.77
CA ARG D 218 4.58 -12.19 -17.00
C ARG D 218 3.22 -12.38 -16.38
N VAL D 219 3.03 -11.80 -15.19
CA VAL D 219 1.78 -11.88 -14.46
C VAL D 219 1.36 -10.51 -13.92
N ASN D 220 0.21 -10.01 -14.38
CA ASN D 220 -0.21 -8.69 -14.06
C ASN D 220 -1.68 -8.69 -13.75
N GLY D 221 -2.19 -7.56 -13.32
CA GLY D 221 -3.59 -7.43 -13.02
C GLY D 221 -4.18 -6.16 -13.58
N VAL D 222 -5.50 -6.17 -13.72
CA VAL D 222 -6.28 -5.02 -14.08
C VAL D 222 -7.35 -4.91 -12.99
N ALA D 223 -7.46 -3.73 -12.39
CA ALA D 223 -8.38 -3.53 -11.25
C ALA D 223 -9.50 -2.51 -11.56
N PRO D 224 -10.66 -3.00 -12.01
CA PRO D 224 -11.79 -2.10 -12.21
C PRO D 224 -12.28 -1.49 -10.93
N GLY D 225 -12.84 -0.30 -11.00
CA GLY D 225 -13.66 0.23 -9.91
C GLY D 225 -15.12 -0.17 -10.03
N VAL D 226 -15.90 0.56 -10.81
CA VAL D 226 -17.23 0.14 -11.19
C VAL D 226 -17.28 0.24 -12.71
N SER D 227 -17.82 -0.83 -13.32
CA SER D 227 -17.88 -1.04 -14.76
C SER D 227 -19.12 -1.85 -15.11
N LEU D 228 -19.73 -1.54 -16.24
CA LEU D 228 -20.94 -2.22 -16.71
C LEU D 228 -21.95 -2.51 -15.59
N LEU D 229 -22.77 -1.54 -15.25
CA LEU D 229 -23.76 -1.78 -14.20
C LEU D 229 -24.79 -2.81 -14.73
N PRO D 230 -25.27 -3.70 -13.85
CA PRO D 230 -26.43 -4.53 -14.22
C PRO D 230 -27.54 -3.68 -14.87
N VAL D 231 -27.92 -3.96 -16.13
CA VAL D 231 -29.06 -3.24 -16.77
C VAL D 231 -30.34 -3.49 -15.96
N ALA D 232 -30.35 -4.61 -15.25
CA ALA D 232 -31.31 -4.94 -14.19
C ALA D 232 -31.41 -3.94 -13.03
N MET D 233 -30.26 -3.45 -12.55
CA MET D 233 -30.16 -2.63 -11.32
C MET D 233 -31.02 -1.40 -11.46
N GLY D 234 -31.68 -0.98 -10.38
CA GLY D 234 -32.51 0.22 -10.39
C GLY D 234 -31.79 1.50 -10.86
N GLU D 235 -32.50 2.41 -11.52
CA GLU D 235 -31.86 3.61 -12.06
C GLU D 235 -31.34 4.49 -10.94
N GLU D 236 -32.06 4.52 -9.84
CA GLU D 236 -31.61 5.27 -8.66
C GLU D 236 -30.24 4.81 -8.15
N GLU D 237 -30.06 3.50 -7.99
CA GLU D 237 -28.79 2.98 -7.51
C GLU D 237 -27.71 3.15 -8.56
N LYS D 238 -28.04 2.91 -9.83
CA LYS D 238 -27.06 3.11 -10.89
C LYS D 238 -26.50 4.51 -10.81
N ASP D 239 -27.39 5.50 -10.70
CA ASP D 239 -26.97 6.88 -10.62
C ASP D 239 -26.09 7.18 -9.42
N LYS D 240 -26.36 6.55 -8.29
CA LYS D 240 -25.63 6.79 -7.08
C LYS D 240 -24.19 6.27 -7.22
N TRP D 241 -24.02 5.11 -7.83
CA TRP D 241 -22.68 4.62 -8.17
C TRP D 241 -21.97 5.55 -9.14
N ARG D 242 -22.70 6.02 -10.15
CA ARG D 242 -22.09 6.89 -11.15
C ARG D 242 -21.59 8.18 -10.55
N ARG D 243 -22.38 8.76 -9.66
CA ARG D 243 -22.02 10.03 -9.05
C ARG D 243 -20.77 9.97 -8.21
N LYS D 244 -20.35 8.78 -7.80
CA LYS D 244 -19.10 8.58 -7.01
C LYS D 244 -17.81 8.72 -7.86
N VAL D 245 -17.92 8.66 -9.18
CA VAL D 245 -16.74 8.50 -9.98
C VAL D 245 -16.24 9.88 -10.41
N PRO D 246 -15.01 10.24 -9.98
CA PRO D 246 -14.44 11.55 -10.34
C PRO D 246 -14.36 11.83 -11.82
N LEU D 247 -13.95 10.84 -12.58
CA LEU D 247 -13.67 11.05 -13.97
C LEU D 247 -14.90 10.68 -14.77
N GLY D 248 -15.73 11.70 -15.00
CA GLY D 248 -16.89 11.58 -15.86
C GLY D 248 -18.19 11.22 -15.17
N ARG D 249 -18.19 10.93 -13.88
CA ARG D 249 -19.40 10.51 -13.15
C ARG D 249 -20.17 9.39 -13.84
N ARG D 250 -19.41 8.41 -14.32
CA ARG D 250 -19.91 7.22 -14.97
C ARG D 250 -19.00 6.03 -14.72
N GLU D 251 -19.59 4.85 -14.89
CA GLU D 251 -18.93 3.56 -14.77
C GLU D 251 -18.02 3.34 -15.97
N ALA D 252 -17.06 2.44 -15.87
CA ALA D 252 -16.25 2.07 -17.04
C ALA D 252 -17.10 1.24 -18.00
N SER D 253 -16.86 1.37 -19.30
CA SER D 253 -17.35 0.40 -20.27
C SER D 253 -16.52 -0.88 -20.13
N ALA D 254 -17.11 -2.00 -20.55
CA ALA D 254 -16.39 -3.25 -20.60
C ALA D 254 -15.19 -3.10 -21.50
N GLU D 255 -15.32 -2.29 -22.54
CA GLU D 255 -14.25 -2.17 -23.52
C GLU D 255 -13.04 -1.45 -22.89
N GLN D 256 -13.31 -0.53 -21.96
CA GLN D 256 -12.22 0.23 -21.31
C GLN D 256 -11.40 -0.71 -20.45
N ILE D 257 -12.08 -1.62 -19.76
CA ILE D 257 -11.35 -2.65 -19.00
C ILE D 257 -10.49 -3.51 -19.96
N ALA D 258 -11.15 -3.94 -21.05
CA ALA D 258 -10.47 -4.77 -22.03
C ALA D 258 -9.20 -4.08 -22.54
N ASP D 259 -9.26 -2.77 -22.71
CA ASP D 259 -8.13 -2.04 -23.27
C ASP D 259 -6.89 -2.19 -22.42
N ALA D 260 -7.02 -2.16 -21.09
CA ALA D 260 -5.87 -2.38 -20.21
C ALA D 260 -5.32 -3.80 -20.29
N VAL D 261 -6.22 -4.78 -20.49
CA VAL D 261 -5.82 -6.17 -20.70
C VAL D 261 -4.98 -6.31 -21.96
N ILE D 262 -5.47 -5.72 -23.07
CA ILE D 262 -4.78 -5.71 -24.33
C ILE D 262 -3.38 -5.08 -24.19
N PHE D 263 -3.27 -4.00 -23.45
CA PHE D 263 -1.96 -3.44 -23.23
C PHE D 263 -1.02 -4.41 -22.51
N LEU D 264 -1.47 -4.99 -21.42
CA LEU D 264 -0.58 -5.84 -20.60
C LEU D 264 -0.10 -7.11 -21.30
N VAL D 265 -0.89 -7.60 -22.25
CA VAL D 265 -0.46 -8.79 -23.02
C VAL D 265 0.37 -8.44 -24.24
N SER D 266 0.36 -7.16 -24.64
CA SER D 266 1.05 -6.65 -25.85
C SER D 266 2.55 -6.61 -25.70
N GLY D 267 3.23 -6.39 -26.83
CA GLY D 267 4.68 -6.19 -26.88
C GLY D 267 5.12 -4.89 -26.23
N SER D 268 4.18 -3.98 -26.01
CA SER D 268 4.45 -2.72 -25.30
C SER D 268 4.56 -2.88 -23.80
N ALA D 269 4.31 -4.06 -23.27
CA ALA D 269 4.38 -4.31 -21.84
C ALA D 269 5.35 -5.41 -21.43
N GLN D 270 6.37 -5.63 -22.26
CA GLN D 270 7.34 -6.75 -22.07
C GLN D 270 8.17 -6.76 -20.83
N TYR D 271 8.34 -5.61 -20.20
CA TYR D 271 9.12 -5.51 -18.98
C TYR D 271 8.20 -5.38 -17.78
N ILE D 272 6.89 -5.44 -18.00
CA ILE D 272 5.93 -5.26 -16.94
C ILE D 272 5.51 -6.61 -16.38
N THR D 273 5.92 -6.91 -15.15
CA THR D 273 5.33 -8.04 -14.43
C THR D 273 5.08 -7.69 -12.94
N GLY D 274 4.01 -8.24 -12.39
CA GLY D 274 3.61 -7.98 -11.06
C GLY D 274 2.95 -6.68 -10.84
N SER D 275 2.53 -6.03 -11.91
CA SER D 275 1.85 -4.76 -11.81
C SER D 275 0.38 -4.92 -11.93
N ILE D 276 -0.36 -4.19 -11.10
CA ILE D 276 -1.82 -4.13 -11.21
C ILE D 276 -2.28 -2.72 -11.59
N ILE D 277 -3.00 -2.61 -12.71
CA ILE D 277 -3.45 -1.34 -13.22
C ILE D 277 -4.90 -1.07 -12.86
N LYS D 278 -5.15 -0.07 -12.01
CA LYS D 278 -6.53 0.39 -11.74
C LYS D 278 -7.06 1.01 -13.00
N VAL D 279 -8.28 0.60 -13.38
CA VAL D 279 -9.09 1.26 -14.39
C VAL D 279 -10.39 1.64 -13.69
N ASP D 280 -10.35 2.73 -12.94
CA ASP D 280 -11.39 3.12 -12.00
C ASP D 280 -11.86 4.58 -11.97
N GLY D 281 -11.38 5.38 -12.91
CA GLY D 281 -11.76 6.80 -12.97
C GLY D 281 -11.55 7.56 -11.71
N GLY D 282 -10.59 7.11 -10.87
CA GLY D 282 -10.36 7.80 -9.57
C GLY D 282 -11.19 7.38 -8.39
N LEU D 283 -12.11 6.44 -8.62
CA LEU D 283 -13.00 5.99 -7.56
C LEU D 283 -12.25 5.62 -6.26
N SER D 284 -11.17 4.86 -6.37
CA SER D 284 -10.45 4.39 -5.17
C SER D 284 -9.80 5.54 -4.41
N LEU D 285 -9.75 6.72 -5.00
CA LEU D 285 -9.05 7.85 -4.37
C LEU D 285 -9.97 8.72 -3.53
N VAL D 286 -11.27 8.47 -3.61
CA VAL D 286 -12.32 9.37 -3.00
C VAL D 286 -12.52 9.03 -1.52
N HIS D 287 -12.24 9.93 -0.60
CA HIS D 287 -12.52 9.67 0.84
C HIS D 287 -14.03 9.56 1.13
N ALA D 288 -14.35 8.84 2.21
CA ALA D 288 -15.74 8.67 2.60
C ALA D 288 -16.43 10.00 2.94
PA NAP E . -2.55 21.26 14.37
O1A NAP E . -3.35 21.74 15.55
O2A NAP E . -3.10 21.55 13.04
O5B NAP E . -1.04 21.78 14.44
C5B NAP E . -0.29 21.56 15.61
C4B NAP E . 0.79 22.62 15.75
O4B NAP E . 1.59 22.72 14.59
C3B NAP E . 0.21 24.03 15.82
O3B NAP E . -0.24 24.23 17.13
C2B NAP E . 1.37 24.93 15.38
O2B NAP E . 1.97 25.52 16.55
C1B NAP E . 2.29 23.94 14.62
N9A NAP E . 2.61 24.59 13.35
C8A NAP E . 1.81 24.94 12.32
N7A NAP E . 2.50 25.66 11.41
C5A NAP E . 3.73 25.79 11.90
C6A NAP E . 4.99 26.39 11.50
N6A NAP E . 5.05 27.03 10.37
N1A NAP E . 6.10 26.26 12.26
C2A NAP E . 6.07 25.60 13.43
N3A NAP E . 4.94 25.04 13.87
C4A NAP E . 3.79 25.09 13.16
O3 NAP E . -2.26 19.69 14.61
PN NAP E . -3.31 18.69 15.25
O1N NAP E . -3.07 18.71 16.73
O2N NAP E . -4.68 18.83 14.63
O5D NAP E . -2.69 17.38 14.60
C5D NAP E . -1.44 16.88 15.12
C4D NAP E . -0.74 16.02 14.09
O4D NAP E . -1.60 14.93 13.71
C3D NAP E . -0.39 16.80 12.82
O3D NAP E . 0.87 16.37 12.35
C2D NAP E . -1.50 16.40 11.89
O2D NAP E . -1.17 16.46 10.50
C1D NAP E . -1.81 14.97 12.32
N1N NAP E . -3.22 14.70 11.99
C2N NAP E . -4.24 15.27 12.67
C3N NAP E . -5.56 15.01 12.32
C7N NAP E . -6.72 15.62 13.02
O7N NAP E . -7.85 15.16 12.78
N7N NAP E . -6.57 16.68 13.84
C4N NAP E . -5.81 14.21 11.23
C5N NAP E . -4.73 13.64 10.51
C6N NAP E . -3.45 13.90 10.91
P2B NAP E . 1.56 26.97 17.20
O1X NAP E . 1.86 28.06 16.19
O2X NAP E . 2.57 27.03 18.30
O3X NAP E . 0.14 26.79 17.63
CAJ UEN F . -5.74 23.60 12.41
CAK UEN F . -7.80 21.62 13.14
CAX UEN F . -6.51 21.27 12.42
CAI UEN F . -7.49 22.77 14.10
CAH UEN F . -6.86 23.96 13.37
CAL UEN F . -6.13 22.44 11.53
NAO UEN F . -6.67 20.04 11.66
C5 UEN F . -5.65 18.25 10.19
C4 UEN F . -4.50 17.73 9.71
C6 UEN F . -5.54 19.37 11.04
N1 UEN F . -4.32 19.82 11.35
CAT UEN F . -6.71 17.61 9.82
C2 UEN F . -3.20 19.26 10.81
NAA UEN F . -1.95 19.77 11.08
N3 UEN F . -3.27 18.20 9.99
CAG UEN F . -6.31 16.61 8.97
CAD UEN F . -10.61 17.01 10.15
FAB UEN F . -12.46 18.34 10.23
CAQ UEN F . -11.11 18.20 10.12
CAF UEN F . -9.22 16.75 10.07
CAC UEN F . -10.34 19.24 9.98
CAE UEN F . -8.92 19.12 9.85
CAS UEN F . -8.22 17.80 9.97
NAP UEN F . -4.86 16.64 8.94
C ACT G . -4.95 22.16 24.77
O ACT G . -4.82 21.00 25.30
OXT ACT G . -5.17 22.34 23.53
CH3 ACT G . -4.85 23.40 25.62
PA NAP H . 4.22 -21.85 13.34
O1A NAP H . 4.99 -22.26 14.58
O2A NAP H . 4.70 -22.09 11.92
O5B NAP H . 2.77 -22.44 13.43
C5B NAP H . 1.95 -22.06 14.51
C4B NAP H . 1.07 -23.21 14.96
O4B NAP H . 0.10 -23.33 13.92
C3B NAP H . 1.65 -24.63 15.12
O3B NAP H . 2.31 -24.90 16.39
C2B NAP H . 0.42 -25.49 14.83
O2B NAP H . -0.14 -26.24 15.93
C1B NAP H . -0.61 -24.51 14.18
N9A NAP H . -1.08 -25.17 12.94
C8A NAP H . -0.33 -25.46 11.84
N7A NAP H . -1.06 -26.14 10.94
C5A NAP H . -2.31 -26.29 11.49
C6A NAP H . -3.57 -26.90 11.09
N6A NAP H . -3.64 -27.52 9.91
N1A NAP H . -4.63 -26.80 11.92
C2A NAP H . -4.56 -26.20 13.11
N3A NAP H . -3.44 -25.59 13.57
C4A NAP H . -2.32 -25.64 12.80
O3 NAP H . 3.92 -20.28 13.58
PN NAP H . 4.92 -19.18 14.25
O1N NAP H . 4.82 -19.35 15.74
O2N NAP H . 6.24 -19.20 13.56
O5D NAP H . 4.20 -17.82 13.75
C5D NAP H . 2.99 -17.37 14.41
C4D NAP H . 2.21 -16.51 13.45
O4D NAP H . 3.04 -15.43 13.06
C3D NAP H . 1.83 -17.27 12.21
O3D NAP H . 0.50 -16.88 11.86
C2D NAP H . 2.88 -16.87 11.20
O2D NAP H . 2.48 -17.02 9.85
C1D NAP H . 3.18 -15.45 11.64
N1N NAP H . 4.50 -15.11 11.15
C2N NAP H . 5.60 -15.71 11.69
C3N NAP H . 6.87 -15.46 11.21
C7N NAP H . 8.09 -16.10 11.85
O7N NAP H . 9.20 -15.66 11.56
N7N NAP H . 7.96 -17.13 12.67
C4N NAP H . 7.04 -14.57 10.12
C5N NAP H . 5.88 -13.97 9.54
C6N NAP H . 4.62 -14.25 10.05
P2B NAP H . 0.51 -27.63 16.54
O1X NAP H . 0.22 -28.61 15.43
O2X NAP H . -0.38 -27.82 17.72
O3X NAP H . 1.96 -27.36 16.71
CAJ UEN I . 9.07 -23.20 12.84
CAK UEN I . 7.52 -22.78 10.50
CAX UEN I . 7.78 -21.60 11.37
CAI UEN I . 7.38 -24.07 11.32
CAH UEN I . 8.74 -24.37 11.96
CAL UEN I . 9.10 -21.86 12.11
NAO UEN I . 7.94 -20.46 10.45
C5 UEN I . 6.83 -18.61 9.10
C4 UEN I . 5.64 -18.05 8.76
C6 UEN I . 6.79 -19.77 9.92
N1 UEN I . 5.59 -20.26 10.31
CAT UEN I . 7.85 -17.91 8.64
C2 UEN I . 4.43 -19.69 9.84
NAA UEN I . 3.16 -20.19 10.18
N3 UEN I . 4.49 -18.59 9.10
CAG UEN I . 7.34 -16.87 7.87
CAD UEN I . 11.40 -19.58 8.45
FAB UEN I . 13.49 -18.68 8.48
CAQ UEN I . 12.18 -18.51 8.52
CAF UEN I . 10.00 -19.44 8.48
CAC UEN I . 11.74 -17.29 8.64
CAE UEN I . 10.36 -17.01 8.68
CAS UEN I . 9.36 -18.09 8.68
NAP UEN I . 5.92 -16.93 7.99
PA NAP J . 18.13 11.13 -14.84
O1A NAP J . 19.05 10.87 -16.02
O2A NAP J . 18.79 10.88 -13.49
O5B NAP J . 17.62 12.63 -14.87
C5B NAP J . 16.75 13.08 -15.88
C4B NAP J . 17.06 14.56 -16.14
O4B NAP J . 16.71 15.28 -14.97
C3B NAP J . 18.53 14.97 -16.37
O3B NAP J . 18.94 14.82 -17.74
C2B NAP J . 18.52 16.44 -15.96
O2B NAP J . 18.57 17.29 -17.13
C1B NAP J . 17.19 16.58 -15.17
N9A NAP J . 17.49 17.31 -13.94
C8A NAP J . 18.24 16.94 -12.90
N7A NAP J . 18.32 17.94 -12.01
C5A NAP J . 17.65 18.97 -12.51
C6A NAP J . 17.39 20.32 -12.09
N6A NAP J . 17.89 20.76 -10.96
N1A NAP J . 16.65 21.07 -12.88
C2A NAP J . 16.15 20.60 -14.04
N3A NAP J . 16.35 19.36 -14.51
C4A NAP J . 17.09 18.54 -13.77
O3 NAP J . 16.75 10.34 -15.02
PN NAP J . 16.56 8.89 -15.70
O1N NAP J . 16.44 9.08 -17.19
O2N NAP J . 17.58 7.95 -15.07
O5D NAP J . 15.13 8.60 -15.04
C5D NAP J . 13.97 9.25 -15.56
C4D NAP J . 12.86 9.35 -14.51
O4D NAP J . 12.51 8.00 -14.15
C3D NAP J . 13.26 10.10 -13.25
O3D NAP J . 12.11 10.81 -12.82
C2D NAP J . 13.69 9.02 -12.29
O2D NAP J . 13.62 9.38 -10.89
C1D NAP J . 12.76 7.89 -12.74
N1N NAP J . 13.38 6.62 -12.40
C2N NAP J . 14.45 6.17 -13.07
C3N NAP J . 15.08 4.98 -12.69
C7N NAP J . 16.21 4.42 -13.48
O7N NAP J . 16.56 3.25 -13.22
N7N NAP J . 16.82 5.18 -14.42
C4N NAP J . 14.59 4.27 -11.59
C5N NAP J . 13.51 4.82 -10.88
C6N NAP J . 12.92 5.99 -11.29
P2B NAP J . 19.95 17.85 -17.82
O1X NAP J . 19.43 18.64 -18.99
O2X NAP J . 20.62 16.58 -18.30
O3X NAP J . 20.69 18.68 -16.80
CAJ UEN K . 22.08 10.26 -12.89
CAK UEN K . 21.68 7.49 -13.63
CAX UEN K . 20.61 8.25 -12.92
CAI UEN K . 22.50 8.47 -14.48
CAH UEN K . 23.17 9.53 -13.63
CAL UEN K . 21.30 9.28 -12.05
NAO UEN K . 19.80 7.30 -12.18
C5 UEN K . 17.76 6.89 -10.65
C4 UEN K . 16.64 7.46 -10.17
C6 UEN K . 18.55 7.70 -11.53
N1 UEN K . 18.14 8.93 -11.80
CAT UEN K . 17.92 5.65 -10.23
C2 UEN K . 17.00 9.45 -11.29
NAA UEN K . 16.61 10.74 -11.59
N3 UEN K . 16.25 8.71 -10.45
CAG UEN K . 16.88 5.35 -9.40
CAD UEN K . 21.34 3.66 -10.42
FAB UEN K . 21.73 1.41 -10.59
CAQ UEN K . 20.88 2.42 -10.49
CAF UEN K . 20.46 4.76 -10.32
CAC UEN K . 19.64 2.13 -10.49
CAE UEN K . 18.68 3.14 -10.40
CAS UEN K . 18.99 4.56 -10.38
NAP UEN K . 16.02 6.50 -9.38
PA NAP L . -19.43 -11.12 -13.30
O1A NAP L . -20.35 -10.74 -14.45
O2A NAP L . -19.82 -10.91 -11.89
O5B NAP L . -18.81 -12.57 -13.49
C5B NAP L . -18.28 -12.94 -14.73
C4B NAP L . -18.56 -14.39 -14.92
O4B NAP L . -18.02 -15.10 -13.83
C3B NAP L . -20.03 -14.83 -14.89
O3B NAP L . -20.59 -14.56 -16.16
C2B NAP L . -19.90 -16.34 -14.58
O2B NAP L . -20.01 -17.18 -15.78
C1B NAP L . -18.45 -16.44 -13.99
N9A NAP L . -18.58 -17.22 -12.76
C8A NAP L . -19.23 -16.86 -11.66
N7A NAP L . -19.19 -17.90 -10.78
C5A NAP L . -18.52 -18.91 -11.37
C6A NAP L . -18.21 -20.30 -10.98
N6A NAP L . -18.50 -20.83 -9.77
N1A NAP L . -17.49 -20.99 -11.87
C2A NAP L . -17.14 -20.50 -13.09
N3A NAP L . -17.46 -19.26 -13.56
C4A NAP L . -18.13 -18.46 -12.67
O3 NAP L . -18.09 -10.27 -13.55
PN NAP L . -18.00 -8.80 -14.19
O1N NAP L . -18.02 -9.02 -15.69
O2N NAP L . -18.86 -7.79 -13.54
O5D NAP L . -16.48 -8.46 -13.79
C5D NAP L . -15.39 -9.15 -14.38
C4D NAP L . -14.17 -9.18 -13.46
O4D NAP L . -13.87 -7.83 -13.04
C3D NAP L . -14.38 -9.98 -12.17
O3D NAP L . -13.21 -10.72 -11.82
C2D NAP L . -14.71 -8.90 -11.16
O2D NAP L . -14.42 -9.31 -9.85
C1D NAP L . -13.87 -7.72 -11.63
N1N NAP L . -14.46 -6.46 -11.15
C2N NAP L . -15.60 -6.01 -11.71
C3N NAP L . -16.21 -4.87 -11.27
C7N NAP L . -17.48 -4.33 -11.90
O7N NAP L . -17.86 -3.20 -11.57
N7N NAP L . -18.20 -5.08 -12.78
C4N NAP L . -15.63 -4.19 -10.21
C5N NAP L . -14.48 -4.67 -9.63
C6N NAP L . -13.91 -5.83 -10.11
P2B NAP L . -21.44 -17.75 -16.36
O1X NAP L . -22.03 -18.64 -15.29
O2X NAP L . -20.96 -18.51 -17.56
O3X NAP L . -22.23 -16.47 -16.58
CAJ UEN M . -22.95 -10.22 -10.95
CAK UEN M . -22.72 -7.44 -11.85
CAX UEN M . -21.61 -8.17 -11.16
CAI UEN M . -23.67 -8.42 -12.57
CAH UEN M . -24.13 -9.57 -11.67
CAL UEN M . -22.17 -9.18 -10.18
NAO UEN M . -20.75 -7.25 -10.43
C5 UEN M . -18.58 -6.85 -9.07
C4 UEN M . -17.43 -7.42 -8.70
C6 UEN M . -19.45 -7.65 -9.89
N1 UEN M . -19.05 -8.89 -10.23
CAT UEN M . -18.73 -5.59 -8.62
C2 UEN M . -17.89 -9.43 -9.77
NAA UEN M . -17.55 -10.71 -10.15
N3 UEN M . -17.06 -8.70 -9.02
CAG UEN M . -17.60 -5.31 -7.87
CAD UEN M . -20.70 -2.22 -8.82
FAB UEN M . -22.87 -1.62 -8.68
CAQ UEN M . -21.93 -2.57 -8.67
CAF UEN M . -19.66 -3.11 -8.80
CAC UEN M . -22.25 -3.82 -8.47
CAE UEN M . -21.28 -4.81 -8.46
CAS UEN M . -19.84 -4.54 -8.70
NAP UEN M . -16.76 -6.48 -7.93
#